data_8AI5
#
_entry.id   8AI5
#
_cell.length_a   78.98
_cell.length_b   92.52
_cell.length_c   127.52
_cell.angle_alpha   90
_cell.angle_beta   90
_cell.angle_gamma   90
#
_symmetry.space_group_name_H-M   'P 21 21 21'
#
loop_
_entity.id
_entity.type
_entity.pdbx_description
1 polymer 'Putative peptide biosynthesis protein YydG'
2 polymer 'Putative exported peptide YydF'
3 non-polymer 'IRON/SULFUR CLUSTER'
4 non-polymer S-ADENOSYL-L-HOMOCYSTEINE
5 non-polymer 1,2-ETHANEDIOL
6 non-polymer DI(HYDROXYETHYL)ETHER
7 water water
#
loop_
_entity_poly.entity_id
_entity_poly.type
_entity_poly.pdbx_seq_one_letter_code
_entity_poly.pdbx_strand_id
1 'polypeptide(L)'
;MASWSHPQFEKSGGGGGENLYFQGHMYNKTVSINLDSRCNASCDHCCFSSSPTSTTRMEKEYIRELVTEFAKNKTIQVIS
FTGGEVFLDYKFLKELMEIIKPYEKQITLISNGFWGLSKKKVQEYFHDMNSLNVIALTISYDEYHAPFVKSSSIKNILEH
SRKYPDIDISLNMAVTKDKMSNHILEELGDSILGVKITKFPMISVGAAKTRIKQENIHKFYSLEDEDSLHCPGYDIVYHH
DGEIYPCASPAIFETKITLREEYNQSFERTVEKLNSNLLLFILRKEGFKWFLNILKENNKIEEFDIPYEFSSICGVCGSL
FNSAEKINYFYPYMEKYYNENFKV
;
A,B
2 'polypeptide(L)' KENRWILGSGH C,D
#
# COMPACT_ATOMS: atom_id res chain seq x y z
N TYR A 27 -5.02 7.17 19.34
CA TYR A 27 -6.00 7.12 18.24
C TYR A 27 -6.54 8.52 17.90
N ASN A 28 -5.74 9.57 18.08
CA ASN A 28 -6.20 10.92 17.83
C ASN A 28 -5.49 11.62 16.67
N LYS A 29 -4.80 10.86 15.80
CA LYS A 29 -4.14 11.48 14.65
C LYS A 29 -4.98 11.43 13.38
N THR A 30 -6.05 10.62 13.36
CA THR A 30 -6.91 10.49 12.20
C THR A 30 -8.39 10.51 12.63
N VAL A 31 -9.24 10.98 11.73
CA VAL A 31 -10.68 10.99 11.95
C VAL A 31 -11.38 10.84 10.58
N SER A 32 -12.56 10.22 10.59
CA SER A 32 -13.34 10.04 9.39
C SER A 32 -14.72 10.56 9.58
N ILE A 33 -15.32 11.09 8.49
CA ILE A 33 -16.71 11.52 8.46
C ILE A 33 -17.42 10.78 7.35
N ASN A 34 -18.53 10.13 7.69
CA ASN A 34 -19.36 9.51 6.68
C ASN A 34 -20.41 10.57 6.32
N LEU A 35 -20.25 11.18 5.14
CA LEU A 35 -21.06 12.32 4.69
C LEU A 35 -22.53 12.04 4.43
N ASP A 36 -22.87 10.81 4.03
CA ASP A 36 -24.25 10.51 3.64
C ASP A 36 -24.39 9.04 3.32
N SER A 37 -25.61 8.49 3.49
CA SER A 37 -25.89 7.11 3.06
C SER A 37 -26.36 7.09 1.57
N ARG A 38 -26.75 8.24 1.00
CA ARG A 38 -27.19 8.35 -0.37
C ARG A 38 -26.05 7.97 -1.31
N CYS A 39 -26.36 7.19 -2.35
CA CYS A 39 -25.39 6.75 -3.35
C CYS A 39 -26.09 6.67 -4.70
N ASN A 40 -25.36 6.81 -5.80
CA ASN A 40 -25.96 6.63 -7.14
C ASN A 40 -26.16 5.09 -7.42
N ALA A 41 -25.30 4.25 -6.80
CA ALA A 41 -25.31 2.78 -6.92
C ALA A 41 -26.25 2.15 -5.86
N SER A 42 -26.51 0.83 -5.93
CA SER A 42 -27.33 0.08 -4.99
C SER A 42 -26.72 -1.33 -4.93
N CYS A 43 -25.40 -1.40 -4.69
CA CYS A 43 -24.66 -2.67 -4.64
C CYS A 43 -25.34 -3.72 -3.75
N ASP A 44 -25.38 -4.96 -4.21
CA ASP A 44 -26.02 -6.03 -3.47
C ASP A 44 -25.25 -6.44 -2.20
N HIS A 45 -24.00 -6.00 -2.03
CA HIS A 45 -23.23 -6.31 -0.81
C HIS A 45 -23.18 -5.16 0.19
N CYS A 46 -23.58 -3.93 -0.23
CA CYS A 46 -23.40 -2.71 0.57
C CYS A 46 -23.74 -2.84 2.04
N CYS A 47 -22.73 -2.65 2.90
CA CYS A 47 -22.88 -2.70 4.35
C CYS A 47 -23.87 -1.68 4.90
N PHE A 48 -24.14 -0.61 4.14
CA PHE A 48 -25.08 0.45 4.53
C PHE A 48 -26.39 0.38 3.77
N SER A 49 -26.53 -0.55 2.78
CA SER A 49 -27.68 -0.67 1.89
C SER A 49 -27.90 0.69 1.17
N SER A 50 -26.80 1.36 0.80
CA SER A 50 -26.88 2.64 0.14
C SER A 50 -27.58 2.52 -1.21
N SER A 51 -28.28 3.58 -1.59
CA SER A 51 -29.09 3.65 -2.80
C SER A 51 -29.45 5.13 -3.04
N PRO A 52 -29.97 5.50 -4.25
CA PRO A 52 -30.41 6.89 -4.47
C PRO A 52 -31.50 7.36 -3.50
N THR A 53 -32.24 6.44 -2.85
CA THR A 53 -33.32 6.84 -1.94
C THR A 53 -32.96 6.71 -0.46
N SER A 54 -31.66 6.54 -0.12
CA SER A 54 -31.24 6.41 1.26
C SER A 54 -31.34 7.77 1.95
N THR A 55 -32.00 7.80 3.11
CA THR A 55 -32.24 9.05 3.81
C THR A 55 -31.40 9.28 5.08
N THR A 56 -30.53 8.32 5.48
CA THR A 56 -29.77 8.50 6.71
C THR A 56 -28.55 9.38 6.48
N ARG A 57 -28.50 10.50 7.19
CA ARG A 57 -27.36 11.41 7.13
C ARG A 57 -27.38 12.42 8.27
N MET A 58 -26.21 12.97 8.64
CA MET A 58 -26.11 14.07 9.58
C MET A 58 -26.43 15.34 8.78
N GLU A 59 -26.91 16.41 9.45
CA GLU A 59 -27.20 17.67 8.75
C GLU A 59 -25.94 18.29 8.18
N LYS A 60 -26.06 19.03 7.07
CA LYS A 60 -24.93 19.68 6.41
C LYS A 60 -24.22 20.68 7.32
N GLU A 61 -24.99 21.48 8.06
CA GLU A 61 -24.40 22.48 8.95
C GLU A 61 -23.63 21.83 10.10
N TYR A 62 -24.14 20.71 10.61
CA TYR A 62 -23.50 19.93 11.64
C TYR A 62 -22.18 19.36 11.10
N ILE A 63 -22.17 18.88 9.85
CA ILE A 63 -20.95 18.37 9.22
C ILE A 63 -19.92 19.51 9.06
N ARG A 64 -20.35 20.72 8.64
CA ARG A 64 -19.46 21.89 8.51
C ARG A 64 -18.75 22.20 9.85
N GLU A 65 -19.49 22.11 10.95
CA GLU A 65 -18.98 22.33 12.29
C GLU A 65 -17.97 21.23 12.68
N LEU A 66 -18.24 19.95 12.38
CA LEU A 66 -17.30 18.88 12.69
C LEU A 66 -16.02 19.10 11.89
N VAL A 67 -16.14 19.32 10.58
CA VAL A 67 -14.97 19.55 9.73
C VAL A 67 -14.14 20.77 10.21
N THR A 68 -14.80 21.88 10.62
CA THR A 68 -14.10 23.06 11.12
C THR A 68 -13.31 22.73 12.39
N GLU A 69 -13.93 22.00 13.31
CA GLU A 69 -13.31 21.56 14.54
C GLU A 69 -12.09 20.64 14.25
N PHE A 70 -12.24 19.68 13.34
CA PHE A 70 -11.16 18.77 13.00
C PHE A 70 -10.01 19.47 12.32
N ALA A 71 -10.30 20.49 11.51
CA ALA A 71 -9.28 21.30 10.83
C ALA A 71 -8.52 22.13 11.88
N LYS A 72 -9.23 22.69 12.88
CA LYS A 72 -8.60 23.49 13.93
C LYS A 72 -7.86 22.65 14.96
N ASN A 73 -8.21 21.39 15.11
CA ASN A 73 -7.58 20.48 16.07
C ASN A 73 -6.07 20.32 15.84
N LYS A 74 -5.25 20.49 16.89
CA LYS A 74 -3.81 20.42 16.74
C LYS A 74 -3.23 19.02 16.55
N THR A 75 -3.91 17.96 17.01
CA THR A 75 -3.36 16.61 16.90
C THR A 75 -3.79 15.88 15.61
N ILE A 76 -4.98 16.20 15.06
CA ILE A 76 -5.45 15.52 13.86
C ILE A 76 -4.56 15.85 12.69
N GLN A 77 -4.12 14.83 11.95
CA GLN A 77 -3.26 15.03 10.77
C GLN A 77 -4.00 14.65 9.50
N VAL A 78 -4.90 13.66 9.57
CA VAL A 78 -5.63 13.13 8.43
C VAL A 78 -7.14 13.11 8.69
N ILE A 79 -7.90 13.67 7.73
CA ILE A 79 -9.37 13.66 7.74
C ILE A 79 -9.81 12.85 6.51
N SER A 80 -10.59 11.81 6.72
CA SER A 80 -11.07 10.96 5.64
C SER A 80 -12.55 11.12 5.45
N PHE A 81 -12.98 11.13 4.19
CA PHE A 81 -14.40 11.22 3.87
C PHE A 81 -14.86 9.94 3.21
N THR A 82 -16.06 9.48 3.58
CA THR A 82 -16.67 8.26 3.05
C THR A 82 -18.22 8.40 3.04
N GLY A 83 -18.91 7.41 2.48
CA GLY A 83 -20.37 7.43 2.39
C GLY A 83 -20.95 6.02 2.37
N GLY A 84 -21.91 5.74 1.49
CA GLY A 84 -22.46 6.64 0.49
C GLY A 84 -21.46 6.98 -0.59
N GLU A 85 -21.84 7.88 -1.49
CA GLU A 85 -20.92 8.32 -2.53
C GLU A 85 -20.58 9.80 -2.29
N VAL A 86 -19.35 10.11 -1.86
CA VAL A 86 -18.93 11.47 -1.49
C VAL A 86 -18.90 12.41 -2.65
N PHE A 87 -18.64 11.91 -3.88
CA PHE A 87 -18.64 12.76 -5.07
C PHE A 87 -20.04 13.06 -5.60
N LEU A 88 -21.10 12.43 -5.05
CA LEU A 88 -22.49 12.66 -5.50
C LEU A 88 -22.88 14.14 -5.32
N ASP A 89 -22.50 14.72 -4.18
CA ASP A 89 -22.73 16.14 -3.94
C ASP A 89 -21.35 16.74 -3.88
N TYR A 90 -20.70 16.87 -5.04
CA TYR A 90 -19.34 17.38 -5.11
C TYR A 90 -19.17 18.79 -4.59
N LYS A 91 -20.12 19.68 -4.83
CA LYS A 91 -20.00 21.06 -4.35
C LYS A 91 -19.83 21.12 -2.81
N PHE A 92 -20.56 20.27 -2.09
CA PHE A 92 -20.43 20.20 -0.64
C PHE A 92 -19.08 19.57 -0.21
N LEU A 93 -18.61 18.55 -0.93
CA LEU A 93 -17.31 17.93 -0.63
C LEU A 93 -16.20 18.96 -0.84
N LYS A 94 -16.23 19.71 -1.93
CA LYS A 94 -15.20 20.71 -2.23
C LYS A 94 -15.23 21.84 -1.18
N GLU A 95 -16.42 22.22 -0.74
CA GLU A 95 -16.57 23.22 0.30
C GLU A 95 -15.93 22.72 1.63
N LEU A 96 -16.10 21.44 1.97
CA LEU A 96 -15.48 20.88 3.16
C LEU A 96 -13.96 20.81 3.02
N MET A 97 -13.47 20.46 1.83
CA MET A 97 -12.04 20.43 1.58
C MET A 97 -11.43 21.84 1.66
N GLU A 98 -12.21 22.88 1.28
CA GLU A 98 -11.75 24.26 1.37
CA GLU A 98 -11.75 24.26 1.37
C GLU A 98 -11.71 24.79 2.81
N ILE A 99 -12.58 24.28 3.70
CA ILE A 99 -12.54 24.67 5.11
C ILE A 99 -11.20 24.19 5.72
N ILE A 100 -10.79 22.96 5.37
CA ILE A 100 -9.57 22.34 5.87
C ILE A 100 -8.29 22.97 5.29
N LYS A 101 -8.33 23.40 4.02
CA LYS A 101 -7.18 23.95 3.30
C LYS A 101 -6.27 24.89 4.12
N PRO A 102 -6.77 25.99 4.75
CA PRO A 102 -5.85 26.87 5.50
C PRO A 102 -5.15 26.21 6.68
N TYR A 103 -5.70 25.10 7.19
CA TYR A 103 -5.11 24.37 8.31
C TYR A 103 -4.12 23.28 7.89
N GLU A 104 -3.95 23.05 6.57
CA GLU A 104 -3.01 22.10 5.97
C GLU A 104 -3.10 20.64 6.45
N LYS A 105 -4.31 20.15 6.69
CA LYS A 105 -4.51 18.76 7.08
C LYS A 105 -4.53 17.90 5.82
N GLN A 106 -4.13 16.64 5.96
CA GLN A 106 -4.15 15.72 4.85
C GLN A 106 -5.53 15.14 4.72
N ILE A 107 -5.97 14.92 3.48
CA ILE A 107 -7.30 14.37 3.23
C ILE A 107 -7.25 13.03 2.44
N THR A 108 -8.13 12.08 2.78
CA THR A 108 -8.27 10.86 1.97
C THR A 108 -9.73 10.75 1.50
N LEU A 109 -9.91 10.22 0.28
CA LEU A 109 -11.23 10.02 -0.30
C LEU A 109 -11.38 8.58 -0.80
N ILE A 110 -12.61 8.09 -0.80
CA ILE A 110 -12.98 6.78 -1.34
C ILE A 110 -14.23 7.00 -2.24
N SER A 111 -14.26 6.34 -3.41
CA SER A 111 -15.34 6.57 -4.35
C SER A 111 -15.61 5.38 -5.26
N ASN A 112 -16.84 5.31 -5.79
CA ASN A 112 -17.20 4.31 -6.81
C ASN A 112 -16.80 4.80 -8.24
N GLY A 113 -16.24 6.00 -8.35
CA GLY A 113 -15.74 6.56 -9.60
C GLY A 113 -16.80 6.82 -10.66
N PHE A 114 -18.08 6.99 -10.29
CA PHE A 114 -19.14 7.26 -11.28
C PHE A 114 -18.81 8.47 -12.16
N TRP A 115 -18.11 9.46 -11.58
CA TRP A 115 -17.72 10.72 -12.18
C TRP A 115 -16.64 10.57 -13.25
N GLY A 116 -16.01 9.40 -13.37
CA GLY A 116 -14.97 9.16 -14.34
C GLY A 116 -15.45 9.11 -15.77
N LEU A 117 -16.79 9.07 -16.00
CA LEU A 117 -17.39 9.02 -17.31
C LEU A 117 -16.85 10.12 -18.24
N SER A 118 -16.59 11.31 -17.70
CA SER A 118 -16.06 12.43 -18.46
C SER A 118 -14.61 12.69 -18.11
N LYS A 119 -13.71 12.61 -19.11
CA LYS A 119 -12.29 12.90 -18.90
C LYS A 119 -12.06 14.35 -18.42
N LYS A 120 -12.90 15.30 -18.89
CA LYS A 120 -12.82 16.70 -18.47
C LYS A 120 -13.21 16.84 -17.00
N LYS A 121 -14.23 16.09 -16.56
CA LYS A 121 -14.65 16.05 -15.16
C LYS A 121 -13.52 15.46 -14.25
N VAL A 122 -12.84 14.40 -14.70
CA VAL A 122 -11.71 13.73 -14.07
C VAL A 122 -10.56 14.73 -13.93
N GLN A 123 -10.27 15.47 -15.01
CA GLN A 123 -9.22 16.50 -14.99
C GLN A 123 -9.50 17.55 -13.95
N GLU A 124 -10.75 18.02 -13.87
CA GLU A 124 -11.18 19.02 -12.89
C GLU A 124 -11.04 18.49 -11.44
N TYR A 125 -11.49 17.26 -11.19
CA TYR A 125 -11.46 16.69 -9.84
C TYR A 125 -10.04 16.39 -9.36
N PHE A 126 -9.16 15.91 -10.24
CA PHE A 126 -7.76 15.66 -9.88
C PHE A 126 -7.04 16.96 -9.61
N HIS A 127 -7.38 18.04 -10.35
CA HIS A 127 -6.78 19.35 -10.11
C HIS A 127 -7.21 19.85 -8.72
N ASP A 128 -8.49 19.71 -8.38
CA ASP A 128 -8.98 20.10 -7.06
C ASP A 128 -8.32 19.25 -5.93
N MET A 129 -8.31 17.92 -6.04
CA MET A 129 -7.72 17.03 -5.03
C MET A 129 -6.23 17.37 -4.81
N ASN A 130 -5.50 17.65 -5.89
CA ASN A 130 -4.10 18.00 -5.77
C ASN A 130 -3.89 19.34 -5.07
N SER A 131 -4.74 20.34 -5.34
CA SER A 131 -4.61 21.63 -4.68
C SER A 131 -5.22 21.65 -3.26
N LEU A 132 -5.99 20.59 -2.88
CA LEU A 132 -6.63 20.52 -1.58
C LEU A 132 -6.04 19.47 -0.63
N ASN A 133 -4.79 19.07 -0.88
N ASN A 133 -4.77 19.08 -0.87
CA ASN A 133 -4.01 18.15 -0.05
CA ASN A 133 -3.97 18.15 -0.06
C ASN A 133 -4.66 16.77 0.13
C ASN A 133 -4.63 16.77 0.12
N VAL A 134 -5.21 16.23 -0.96
CA VAL A 134 -5.80 14.90 -0.94
C VAL A 134 -4.60 13.95 -1.21
N ILE A 135 -4.21 13.16 -0.21
CA ILE A 135 -3.04 12.30 -0.31
C ILE A 135 -3.39 10.88 -0.80
N ALA A 136 -4.67 10.50 -0.78
CA ALA A 136 -5.06 9.16 -1.17
C ALA A 136 -6.45 9.15 -1.74
N LEU A 137 -6.64 8.36 -2.80
CA LEU A 137 -7.93 8.15 -3.41
C LEU A 137 -8.09 6.63 -3.64
N THR A 138 -9.12 6.06 -3.02
CA THR A 138 -9.45 4.66 -3.23
C THR A 138 -10.67 4.59 -4.14
N ILE A 139 -10.57 3.76 -5.18
CA ILE A 139 -11.67 3.55 -6.10
C ILE A 139 -12.19 2.15 -5.88
N SER A 140 -13.51 1.98 -5.69
CA SER A 140 -14.09 0.65 -5.54
C SER A 140 -14.72 0.22 -6.87
N TYR A 141 -14.30 -0.93 -7.40
CA TYR A 141 -14.89 -1.48 -8.60
C TYR A 141 -14.78 -2.98 -8.54
N ASP A 142 -15.89 -3.65 -8.83
CA ASP A 142 -16.03 -5.10 -8.80
C ASP A 142 -17.38 -5.46 -9.48
N GLU A 143 -17.77 -6.75 -9.50
CA GLU A 143 -19.02 -7.20 -10.10
C GLU A 143 -20.26 -6.66 -9.40
N TYR A 144 -20.14 -6.24 -8.14
CA TYR A 144 -21.26 -5.67 -7.41
C TYR A 144 -21.46 -4.19 -7.79
N HIS A 145 -20.38 -3.47 -8.12
CA HIS A 145 -20.42 -2.06 -8.52
C HIS A 145 -20.70 -1.90 -10.02
N ALA A 146 -20.26 -2.88 -10.85
CA ALA A 146 -20.38 -2.91 -12.31
C ALA A 146 -21.77 -2.60 -12.88
N PRO A 147 -22.92 -3.04 -12.31
CA PRO A 147 -24.22 -2.65 -12.90
C PRO A 147 -24.48 -1.13 -12.83
N PHE A 148 -23.69 -0.39 -12.02
CA PHE A 148 -23.91 1.04 -11.78
C PHE A 148 -22.88 1.96 -12.36
N VAL A 149 -21.69 1.46 -12.66
CA VAL A 149 -20.60 2.28 -13.19
C VAL A 149 -19.93 1.54 -14.33
N LYS A 150 -19.70 2.22 -15.45
CA LYS A 150 -19.04 1.59 -16.60
C LYS A 150 -17.56 1.39 -16.31
N SER A 151 -17.00 0.32 -16.87
CA SER A 151 -15.59 -0.03 -16.79
C SER A 151 -14.71 1.16 -17.28
N SER A 152 -15.13 1.82 -18.37
CA SER A 152 -14.42 2.94 -18.97
C SER A 152 -14.30 4.13 -18.01
N SER A 153 -15.27 4.32 -17.12
CA SER A 153 -15.22 5.41 -16.16
C SER A 153 -14.08 5.22 -15.16
N ILE A 154 -13.85 3.98 -14.72
CA ILE A 154 -12.80 3.60 -13.79
C ILE A 154 -11.44 3.77 -14.48
N LYS A 155 -11.34 3.31 -15.73
CA LYS A 155 -10.11 3.44 -16.52
C LYS A 155 -9.69 4.88 -16.65
N ASN A 156 -10.65 5.80 -16.89
CA ASN A 156 -10.35 7.23 -17.05
C ASN A 156 -9.71 7.78 -15.79
N ILE A 157 -10.22 7.42 -14.62
CA ILE A 157 -9.67 7.89 -13.35
C ILE A 157 -8.29 7.27 -13.12
N LEU A 158 -8.17 5.94 -13.32
CA LEU A 158 -6.89 5.25 -13.10
C LEU A 158 -5.78 5.81 -14.01
N GLU A 159 -6.10 6.08 -15.28
CA GLU A 159 -5.13 6.61 -16.23
C GLU A 159 -4.72 8.03 -15.89
N HIS A 160 -5.69 8.92 -15.59
CA HIS A 160 -5.35 10.30 -15.26
C HIS A 160 -4.55 10.42 -13.94
N SER A 161 -4.74 9.48 -13.01
CA SER A 161 -4.03 9.50 -11.75
C SER A 161 -2.51 9.42 -11.92
N ARG A 162 -2.01 8.89 -13.08
CA ARG A 162 -0.58 8.85 -13.38
C ARG A 162 0.05 10.26 -13.38
N LYS A 163 -0.74 11.27 -13.75
CA LYS A 163 -0.27 12.65 -13.76
C LYS A 163 -0.12 13.28 -12.36
N TYR A 164 -0.60 12.57 -11.31
CA TYR A 164 -0.60 13.00 -9.93
C TYR A 164 0.05 11.94 -9.05
N PRO A 165 1.37 11.76 -9.17
CA PRO A 165 2.03 10.70 -8.37
C PRO A 165 1.99 10.88 -6.85
N ASP A 166 1.71 12.08 -6.34
CA ASP A 166 1.59 12.32 -4.89
C ASP A 166 0.25 11.87 -4.32
N ILE A 167 -0.69 11.41 -5.15
CA ILE A 167 -1.96 10.90 -4.68
C ILE A 167 -1.85 9.38 -4.74
N ASP A 168 -1.94 8.70 -3.60
CA ASP A 168 -1.85 7.25 -3.57
C ASP A 168 -3.15 6.68 -4.06
N ILE A 169 -3.11 5.95 -5.18
CA ILE A 169 -4.32 5.37 -5.78
C ILE A 169 -4.43 3.89 -5.46
N SER A 170 -5.63 3.45 -5.08
CA SER A 170 -5.93 2.05 -4.77
C SER A 170 -7.21 1.63 -5.48
N LEU A 171 -7.33 0.35 -5.78
CA LEU A 171 -8.53 -0.24 -6.35
C LEU A 171 -8.99 -1.32 -5.37
N ASN A 172 -10.17 -1.14 -4.78
CA ASN A 172 -10.74 -2.08 -3.81
C ASN A 172 -11.78 -2.90 -4.52
N MET A 173 -11.68 -4.25 -4.46
CA MET A 173 -12.66 -5.13 -5.12
C MET A 173 -13.29 -6.10 -4.11
N ALA A 174 -14.58 -5.91 -3.84
CA ALA A 174 -15.32 -6.78 -2.93
C ALA A 174 -15.77 -7.99 -3.75
N VAL A 175 -15.36 -9.20 -3.31
CA VAL A 175 -15.66 -10.41 -4.07
C VAL A 175 -16.36 -11.49 -3.23
N THR A 176 -17.03 -12.42 -3.94
CA THR A 176 -17.63 -13.65 -3.42
C THR A 176 -17.13 -14.81 -4.30
N LYS A 177 -17.36 -16.08 -3.91
CA LYS A 177 -16.89 -17.23 -4.70
C LYS A 177 -17.49 -17.31 -6.10
N ASP A 178 -18.70 -16.78 -6.25
CA ASP A 178 -19.40 -16.74 -7.56
C ASP A 178 -19.07 -15.48 -8.37
N LYS A 179 -18.53 -14.43 -7.71
CA LYS A 179 -18.20 -13.15 -8.34
C LYS A 179 -16.83 -12.69 -7.86
N MET A 180 -15.78 -13.29 -8.45
CA MET A 180 -14.38 -13.06 -8.10
C MET A 180 -13.70 -11.90 -8.82
N SER A 181 -14.42 -11.18 -9.69
CA SER A 181 -13.91 -10.03 -10.45
C SER A 181 -12.69 -10.34 -11.32
N ASN A 182 -12.60 -11.56 -11.85
CA ASN A 182 -11.52 -11.95 -12.73
C ASN A 182 -11.61 -11.28 -14.07
N HIS A 183 -12.82 -11.02 -14.58
CA HIS A 183 -12.97 -10.38 -15.88
C HIS A 183 -12.92 -8.88 -15.83
N ILE A 184 -13.37 -8.28 -14.70
CA ILE A 184 -13.33 -6.83 -14.43
C ILE A 184 -11.91 -6.31 -14.60
N LEU A 185 -10.93 -7.02 -14.03
CA LEU A 185 -9.51 -6.66 -14.04
C LEU A 185 -8.93 -6.78 -15.42
N GLU A 186 -9.31 -7.83 -16.18
N GLU A 186 -9.32 -7.83 -16.19
CA GLU A 186 -8.82 -7.95 -17.56
CA GLU A 186 -8.86 -7.99 -17.57
C GLU A 186 -9.39 -6.82 -18.41
C GLU A 186 -9.40 -6.85 -18.43
N GLU A 187 -10.67 -6.49 -18.23
CA GLU A 187 -11.30 -5.42 -19.02
C GLU A 187 -10.80 -4.04 -18.65
N LEU A 188 -10.23 -3.86 -17.44
CA LEU A 188 -9.60 -2.57 -17.09
C LEU A 188 -8.28 -2.34 -17.91
N GLY A 189 -7.76 -3.35 -18.58
CA GLY A 189 -6.60 -3.24 -19.43
C GLY A 189 -5.35 -2.77 -18.73
N ASP A 190 -4.60 -1.90 -19.39
CA ASP A 190 -3.37 -1.39 -18.81
C ASP A 190 -3.58 -0.21 -17.82
N SER A 191 -4.84 0.27 -17.66
N SER A 191 -4.82 0.26 -17.66
CA SER A 191 -5.14 1.36 -16.72
CA SER A 191 -5.15 1.34 -16.73
C SER A 191 -4.82 1.00 -15.27
C SER A 191 -4.80 1.00 -15.28
N ILE A 192 -4.77 -0.30 -14.94
CA ILE A 192 -4.45 -0.74 -13.59
C ILE A 192 -2.97 -0.82 -13.30
N LEU A 193 -2.09 -0.60 -14.30
CA LEU A 193 -0.65 -0.68 -14.08
C LEU A 193 -0.20 0.36 -13.09
N GLY A 194 0.52 -0.10 -12.04
CA GLY A 194 0.99 0.76 -10.96
C GLY A 194 -0.05 1.06 -9.91
N VAL A 195 -1.27 0.50 -9.99
CA VAL A 195 -2.33 0.75 -9.00
C VAL A 195 -2.32 -0.40 -7.99
N LYS A 196 -2.47 -0.10 -6.68
CA LYS A 196 -2.52 -1.14 -5.65
C LYS A 196 -3.91 -1.75 -5.62
N ILE A 197 -4.02 -3.03 -5.95
CA ILE A 197 -5.29 -3.72 -5.97
C ILE A 197 -5.43 -4.62 -4.77
N THR A 198 -6.59 -4.57 -4.11
CA THR A 198 -6.87 -5.51 -3.03
C THR A 198 -8.25 -6.08 -3.26
N LYS A 199 -8.32 -7.41 -3.41
CA LYS A 199 -9.57 -8.13 -3.48
C LYS A 199 -9.85 -8.58 -2.03
N PHE A 200 -11.08 -8.38 -1.55
CA PHE A 200 -11.40 -8.75 -0.17
C PHE A 200 -12.76 -9.45 -0.07
N PRO A 201 -12.96 -10.29 0.95
CA PRO A 201 -14.25 -10.97 1.08
C PRO A 201 -15.33 -10.08 1.72
N MET A 202 -16.57 -10.56 1.73
CA MET A 202 -17.67 -9.81 2.32
C MET A 202 -17.82 -9.92 3.83
N ILE A 203 -18.30 -8.84 4.42
CA ILE A 203 -18.72 -8.82 5.81
C ILE A 203 -20.25 -9.04 5.70
N SER A 204 -20.78 -9.97 6.48
CA SER A 204 -22.22 -10.28 6.42
C SER A 204 -23.05 -9.25 7.19
N VAL A 205 -23.16 -8.04 6.64
CA VAL A 205 -23.88 -6.86 7.17
C VAL A 205 -24.61 -6.16 6.03
N GLY A 206 -25.65 -5.40 6.35
CA GLY A 206 -26.42 -4.64 5.37
C GLY A 206 -27.00 -5.51 4.27
N ALA A 207 -26.89 -5.05 3.02
CA ALA A 207 -27.43 -5.82 1.89
C ALA A 207 -26.75 -7.19 1.69
N ALA A 208 -25.52 -7.39 2.18
CA ALA A 208 -24.84 -8.68 2.04
C ALA A 208 -25.53 -9.79 2.82
N LYS A 209 -26.19 -9.47 3.94
CA LYS A 209 -26.92 -10.42 4.78
C LYS A 209 -28.06 -11.08 4.05
N THR A 210 -28.80 -10.32 3.23
CA THR A 210 -30.00 -10.82 2.56
C THR A 210 -29.89 -11.04 1.06
N ARG A 211 -28.94 -10.39 0.38
CA ARG A 211 -28.85 -10.51 -1.08
C ARG A 211 -27.77 -11.44 -1.58
N ILE A 212 -26.89 -11.90 -0.70
CA ILE A 212 -25.81 -12.82 -1.09
C ILE A 212 -25.96 -14.12 -0.30
N LYS A 213 -25.83 -15.27 -0.98
CA LYS A 213 -25.92 -16.58 -0.32
C LYS A 213 -24.70 -16.76 0.58
N GLN A 214 -24.90 -17.20 1.84
CA GLN A 214 -23.79 -17.35 2.77
C GLN A 214 -22.73 -18.34 2.28
N GLU A 215 -23.10 -19.32 1.48
CA GLU A 215 -22.16 -20.28 0.89
C GLU A 215 -21.17 -19.60 -0.08
N ASN A 216 -21.53 -18.41 -0.61
CA ASN A 216 -20.67 -17.67 -1.52
C ASN A 216 -19.67 -16.74 -0.79
N ILE A 217 -19.83 -16.54 0.52
CA ILE A 217 -18.91 -15.71 1.29
C ILE A 217 -17.77 -16.59 1.78
N HIS A 218 -16.52 -16.22 1.46
CA HIS A 218 -15.35 -17.00 1.85
C HIS A 218 -15.24 -17.13 3.36
N LYS A 219 -14.87 -18.31 3.85
CA LYS A 219 -14.69 -18.53 5.29
C LYS A 219 -13.23 -18.80 5.55
N PHE A 220 -12.55 -17.88 6.21
CA PHE A 220 -11.13 -18.02 6.50
C PHE A 220 -10.84 -18.30 7.97
N TYR A 221 -11.81 -18.07 8.85
CA TYR A 221 -11.62 -18.25 10.27
C TYR A 221 -12.78 -19.01 10.91
N SER A 222 -12.51 -19.63 12.06
CA SER A 222 -13.49 -20.36 12.84
C SER A 222 -13.40 -20.00 14.34
N LEU A 223 -14.39 -20.43 15.14
CA LEU A 223 -14.40 -20.17 16.57
C LEU A 223 -13.21 -20.81 17.33
N GLU A 224 -12.57 -21.86 16.75
CA GLU A 224 -11.44 -22.56 17.38
C GLU A 224 -10.08 -21.85 17.26
N ASP A 225 -9.82 -21.16 16.14
CA ASP A 225 -8.55 -20.44 15.99
C ASP A 225 -8.64 -19.03 16.61
N GLU A 226 -9.02 -18.97 17.89
CA GLU A 226 -9.21 -17.71 18.61
C GLU A 226 -7.91 -16.89 18.82
N ASP A 227 -6.74 -17.55 18.92
CA ASP A 227 -5.46 -16.83 19.06
C ASP A 227 -5.13 -15.90 17.86
N SER A 228 -5.91 -15.98 16.77
CA SER A 228 -5.76 -15.10 15.58
C SER A 228 -6.82 -13.97 15.54
N LEU A 229 -7.80 -14.00 16.44
CA LEU A 229 -8.86 -13.01 16.49
C LEU A 229 -8.44 -11.84 17.37
N HIS A 230 -7.72 -10.91 16.76
CA HIS A 230 -7.30 -9.68 17.41
C HIS A 230 -7.69 -8.54 16.50
N CYS A 231 -8.29 -7.50 17.06
CA CYS A 231 -8.68 -6.33 16.28
C CYS A 231 -7.40 -5.58 15.79
N PRO A 232 -7.35 -5.18 14.52
CA PRO A 232 -6.17 -4.48 14.01
C PRO A 232 -5.89 -3.09 14.57
N GLY A 233 -6.85 -2.48 15.27
CA GLY A 233 -6.63 -1.18 15.88
C GLY A 233 -7.79 -0.22 15.72
N TYR A 234 -7.90 0.79 16.59
CA TYR A 234 -9.04 1.71 16.52
C TYR A 234 -8.78 2.87 15.54
N ASP A 235 -9.85 3.38 14.92
CA ASP A 235 -9.81 4.51 13.98
C ASP A 235 -11.17 5.18 14.06
N ILE A 236 -11.28 6.39 14.59
CA ILE A 236 -12.55 7.05 14.85
C ILE A 236 -13.37 7.48 13.61
N VAL A 237 -14.63 7.03 13.56
CA VAL A 237 -15.53 7.38 12.46
C VAL A 237 -16.78 8.08 12.99
N TYR A 238 -17.07 9.28 12.49
CA TYR A 238 -18.31 9.99 12.79
C TYR A 238 -19.24 9.55 11.65
N HIS A 239 -20.18 8.68 11.97
CA HIS A 239 -21.03 8.01 11.00
C HIS A 239 -22.30 8.73 10.60
N HIS A 240 -22.85 8.37 9.42
CA HIS A 240 -24.04 9.01 8.85
C HIS A 240 -25.31 8.77 9.68
N ASP A 241 -25.30 7.79 10.62
CA ASP A 241 -26.40 7.58 11.59
C ASP A 241 -26.30 8.51 12.82
N GLY A 242 -25.33 9.43 12.82
CA GLY A 242 -25.18 10.36 13.91
C GLY A 242 -24.36 9.83 15.07
N GLU A 243 -23.93 8.57 15.00
CA GLU A 243 -23.11 7.97 16.06
C GLU A 243 -21.61 8.05 15.73
N ILE A 244 -20.77 7.66 16.70
CA ILE A 244 -19.33 7.66 16.54
C ILE A 244 -18.86 6.25 16.84
N TYR A 245 -18.06 5.70 15.93
CA TYR A 245 -17.60 4.33 16.04
C TYR A 245 -16.10 4.24 16.23
N PRO A 246 -15.64 3.19 16.92
CA PRO A 246 -14.19 3.05 17.17
C PRO A 246 -13.38 2.55 15.97
N CYS A 247 -14.01 2.26 14.83
CA CYS A 247 -13.28 1.81 13.64
C CYS A 247 -14.11 2.04 12.35
N ALA A 248 -13.52 1.78 11.16
CA ALA A 248 -14.24 1.90 9.88
C ALA A 248 -14.48 0.57 9.18
N SER A 249 -14.57 -0.52 9.95
CA SER A 249 -14.87 -1.83 9.39
C SER A 249 -16.38 -1.87 9.16
N PRO A 250 -16.86 -2.48 8.05
CA PRO A 250 -18.32 -2.57 7.82
C PRO A 250 -19.07 -3.22 8.97
N ALA A 251 -18.41 -4.11 9.71
CA ALA A 251 -19.03 -4.82 10.80
C ALA A 251 -19.40 -3.95 12.02
N ILE A 252 -18.63 -2.90 12.31
CA ILE A 252 -18.86 -2.07 13.50
C ILE A 252 -20.21 -1.34 13.49
N PHE A 253 -20.70 -0.98 12.31
CA PHE A 253 -21.92 -0.18 12.19
C PHE A 253 -23.20 -0.90 12.58
N GLU A 254 -23.17 -2.24 12.65
CA GLU A 254 -24.31 -3.00 13.13
C GLU A 254 -24.26 -3.26 14.66
N THR A 255 -23.17 -2.84 15.35
CA THR A 255 -23.02 -3.02 16.80
C THR A 255 -23.58 -1.81 17.57
N LYS A 256 -23.77 -1.97 18.87
CA LYS A 256 -24.17 -0.91 19.75
C LYS A 256 -22.98 -0.25 20.47
N ILE A 257 -21.76 -0.37 19.93
CA ILE A 257 -20.58 0.26 20.49
C ILE A 257 -20.43 1.66 19.91
N THR A 258 -20.96 2.66 20.64
CA THR A 258 -20.84 4.03 20.21
C THR A 258 -20.05 4.85 21.22
N LEU A 259 -19.30 5.81 20.71
CA LEU A 259 -18.54 6.74 21.51
C LEU A 259 -19.28 8.07 21.69
N ARG A 260 -20.52 8.22 21.17
CA ARG A 260 -21.26 9.46 21.32
C ARG A 260 -22.15 9.46 22.58
N GLU A 261 -22.05 10.51 23.40
CA GLU A 261 -22.89 10.66 24.59
C GLU A 261 -23.80 11.91 24.49
N GLU A 262 -23.52 12.84 23.56
CA GLU A 262 -24.33 14.03 23.35
C GLU A 262 -24.15 14.60 21.94
N TYR A 263 -25.11 15.42 21.49
CA TYR A 263 -25.15 16.05 20.18
C TYR A 263 -23.89 16.87 19.89
N ASN A 264 -23.52 17.77 20.79
CA ASN A 264 -22.33 18.58 20.61
C ASN A 264 -21.20 18.02 21.49
N GLN A 265 -20.42 17.13 20.93
CA GLN A 265 -19.34 16.45 21.60
C GLN A 265 -18.04 16.80 20.91
N SER A 266 -17.05 17.25 21.68
CA SER A 266 -15.75 17.58 21.10
C SER A 266 -14.95 16.30 20.74
N PHE A 267 -13.94 16.46 19.86
CA PHE A 267 -13.06 15.37 19.49
C PHE A 267 -12.21 14.94 20.70
N GLU A 268 -11.77 15.88 21.57
CA GLU A 268 -11.04 15.52 22.80
C GLU A 268 -11.89 14.58 23.65
N ARG A 269 -13.20 14.87 23.78
CA ARG A 269 -14.09 14.00 24.55
C ARG A 269 -14.26 12.63 23.88
N THR A 270 -14.37 12.60 22.53
CA THR A 270 -14.46 11.35 21.78
C THR A 270 -13.24 10.47 22.04
N VAL A 271 -12.04 11.07 22.01
CA VAL A 271 -10.79 10.37 22.24
C VAL A 271 -10.69 9.92 23.69
N GLU A 272 -11.16 10.73 24.64
CA GLU A 272 -11.13 10.39 26.05
C GLU A 272 -12.04 9.18 26.29
N LYS A 273 -13.22 9.16 25.68
CA LYS A 273 -14.15 8.04 25.81
C LYS A 273 -13.57 6.76 25.17
N LEU A 274 -12.95 6.86 23.99
CA LEU A 274 -12.35 5.70 23.34
C LEU A 274 -11.27 5.08 24.25
N ASN A 275 -10.42 5.93 24.84
CA ASN A 275 -9.34 5.46 25.69
C ASN A 275 -9.78 4.99 27.07
N SER A 276 -10.99 5.35 27.52
CA SER A 276 -11.48 4.89 28.81
C SER A 276 -12.62 3.85 28.69
N ASN A 277 -12.98 3.41 27.46
CA ASN A 277 -14.02 2.42 27.26
C ASN A 277 -13.46 1.05 27.71
N LEU A 278 -14.06 0.46 28.77
CA LEU A 278 -13.61 -0.81 29.31
C LEU A 278 -13.74 -1.99 28.34
N LEU A 279 -14.84 -2.07 27.59
CA LEU A 279 -15.05 -3.13 26.60
C LEU A 279 -13.97 -3.06 25.54
N LEU A 280 -13.70 -1.85 24.99
CA LEU A 280 -12.68 -1.71 23.94
C LEU A 280 -11.25 -1.92 24.47
N PHE A 281 -11.02 -1.62 25.75
CA PHE A 281 -9.72 -1.83 26.39
C PHE A 281 -9.49 -3.34 26.53
N ILE A 282 -10.51 -4.07 27.02
CA ILE A 282 -10.43 -5.52 27.15
C ILE A 282 -10.28 -6.17 25.76
N LEU A 283 -11.02 -5.70 24.76
CA LEU A 283 -10.92 -6.24 23.42
C LEU A 283 -9.50 -6.08 22.85
N ARG A 284 -8.88 -4.92 23.08
CA ARG A 284 -7.53 -4.64 22.57
C ARG A 284 -6.42 -5.43 23.30
N LYS A 285 -6.54 -5.56 24.61
CA LYS A 285 -5.55 -6.22 25.43
C LYS A 285 -5.67 -7.75 25.42
N GLU A 286 -6.90 -8.28 25.43
CA GLU A 286 -7.15 -9.72 25.53
C GLU A 286 -7.60 -10.42 24.25
N GLY A 287 -8.11 -9.67 23.29
CA GLY A 287 -8.63 -10.24 22.05
C GLY A 287 -10.05 -10.75 22.18
N PHE A 288 -10.61 -11.23 21.06
CA PHE A 288 -11.96 -11.77 21.00
C PHE A 288 -12.14 -13.05 21.82
N LYS A 289 -11.05 -13.81 22.04
CA LYS A 289 -11.14 -15.04 22.81
C LYS A 289 -11.62 -14.79 24.25
N TRP A 290 -11.40 -13.59 24.81
CA TRP A 290 -11.85 -13.28 26.17
C TRP A 290 -13.40 -13.31 26.20
N PHE A 291 -14.04 -12.75 25.16
CA PHE A 291 -15.50 -12.70 25.07
C PHE A 291 -16.06 -14.03 24.61
N LEU A 292 -15.40 -14.69 23.66
CA LEU A 292 -15.84 -16.00 23.18
C LEU A 292 -15.80 -17.05 24.28
N ASN A 293 -14.74 -17.06 25.11
CA ASN A 293 -14.64 -18.03 26.19
C ASN A 293 -15.72 -17.86 27.25
N ILE A 294 -16.21 -16.62 27.45
CA ILE A 294 -17.28 -16.35 28.40
C ILE A 294 -18.58 -17.00 27.86
N LEU A 295 -18.90 -16.75 26.58
CA LEU A 295 -20.05 -17.34 25.93
C LEU A 295 -19.97 -18.87 25.91
N LYS A 296 -18.79 -19.44 25.58
CA LYS A 296 -18.63 -20.92 25.64
C LYS A 296 -18.84 -21.44 27.04
N GLU A 297 -18.21 -20.83 28.05
CA GLU A 297 -18.33 -21.26 29.45
C GLU A 297 -19.77 -21.27 29.93
N ASN A 298 -20.55 -20.25 29.51
CA ASN A 298 -21.94 -20.08 29.91
C ASN A 298 -22.96 -20.62 28.90
N ASN A 299 -22.49 -21.35 27.88
CA ASN A 299 -23.30 -22.00 26.86
C ASN A 299 -24.24 -21.02 26.12
N LYS A 300 -23.73 -19.83 25.78
CA LYS A 300 -24.47 -18.77 25.11
C LYS A 300 -24.13 -18.61 23.63
N ILE A 301 -23.33 -19.52 23.04
CA ILE A 301 -22.96 -19.39 21.63
C ILE A 301 -24.17 -19.46 20.69
N GLU A 302 -25.07 -20.41 20.91
CA GLU A 302 -26.27 -20.58 20.09
C GLU A 302 -27.26 -19.44 20.33
N GLU A 303 -27.43 -19.06 21.60
CA GLU A 303 -28.32 -17.99 22.06
C GLU A 303 -27.95 -16.65 21.43
N PHE A 304 -26.64 -16.36 21.32
CA PHE A 304 -26.16 -15.12 20.70
C PHE A 304 -26.00 -15.22 19.19
N ASP A 305 -26.37 -16.37 18.57
CA ASP A 305 -26.19 -16.64 17.14
C ASP A 305 -24.77 -16.36 16.67
N ILE A 306 -23.76 -16.84 17.43
CA ILE A 306 -22.37 -16.65 17.02
C ILE A 306 -22.10 -17.62 15.86
N PRO A 307 -21.68 -17.09 14.69
CA PRO A 307 -21.40 -17.98 13.55
C PRO A 307 -20.19 -18.85 13.82
N TYR A 308 -20.16 -20.07 13.27
CA TYR A 308 -19.03 -20.96 13.48
C TYR A 308 -17.84 -20.56 12.61
N GLU A 309 -18.10 -20.11 11.36
CA GLU A 309 -17.04 -19.66 10.45
C GLU A 309 -17.29 -18.22 9.98
N PHE A 310 -16.23 -17.52 9.55
CA PHE A 310 -16.37 -16.12 9.15
C PHE A 310 -15.26 -15.71 8.18
N SER A 311 -15.56 -14.70 7.38
CA SER A 311 -14.66 -14.18 6.36
C SER A 311 -13.49 -13.39 6.92
N SER A 312 -13.63 -12.87 8.13
CA SER A 312 -12.65 -12.03 8.77
C SER A 312 -12.91 -11.95 10.28
N ILE A 313 -11.98 -11.35 10.99
CA ILE A 313 -11.99 -11.11 12.43
C ILE A 313 -13.15 -10.15 12.86
N CYS A 314 -13.49 -9.18 12.00
CA CYS A 314 -14.60 -8.27 12.24
C CYS A 314 -15.95 -8.98 12.31
N GLY A 315 -16.08 -10.12 11.66
CA GLY A 315 -17.29 -10.93 11.67
C GLY A 315 -17.62 -11.44 13.07
N VAL A 316 -16.59 -11.72 13.86
CA VAL A 316 -16.79 -12.13 15.26
C VAL A 316 -17.29 -10.90 16.04
N CYS A 317 -16.61 -9.73 15.84
CA CYS A 317 -16.94 -8.45 16.47
C CYS A 317 -18.42 -8.11 16.39
N GLY A 318 -18.95 -8.10 15.18
CA GLY A 318 -20.36 -7.81 14.93
C GLY A 318 -21.31 -8.72 15.64
N SER A 319 -21.03 -10.03 15.64
CA SER A 319 -21.90 -11.00 16.27
C SER A 319 -21.84 -10.97 17.82
N LEU A 320 -20.71 -10.53 18.39
CA LEU A 320 -20.57 -10.41 19.86
C LEU A 320 -21.30 -9.18 20.38
N PHE A 321 -21.31 -8.08 19.60
CA PHE A 321 -21.80 -6.81 20.13
C PHE A 321 -22.91 -6.11 19.32
N ASN A 322 -23.67 -6.86 18.48
CA ASN A 322 -24.69 -6.21 17.65
C ASN A 322 -26.05 -6.05 18.34
N SER A 323 -26.08 -6.00 19.67
CA SER A 323 -27.29 -5.69 20.44
C SER A 323 -26.91 -5.20 21.85
N ALA A 324 -27.76 -4.38 22.46
CA ALA A 324 -27.51 -3.90 23.81
C ALA A 324 -27.50 -5.07 24.81
N GLU A 325 -28.33 -6.10 24.59
CA GLU A 325 -28.36 -7.28 25.48
C GLU A 325 -26.99 -7.94 25.50
N LYS A 326 -26.37 -8.12 24.32
CA LYS A 326 -25.08 -8.78 24.23
C LYS A 326 -23.99 -8.00 24.99
N ILE A 327 -23.86 -6.69 24.75
CA ILE A 327 -22.90 -5.83 25.41
C ILE A 327 -23.09 -5.87 26.93
N ASN A 328 -24.34 -5.66 27.38
CA ASN A 328 -24.65 -5.64 28.81
C ASN A 328 -24.34 -6.97 29.46
N TYR A 329 -24.51 -8.07 28.71
CA TYR A 329 -24.26 -9.42 29.21
C TYR A 329 -22.82 -9.55 29.76
N PHE A 330 -21.86 -8.91 29.08
CA PHE A 330 -20.47 -8.97 29.50
C PHE A 330 -20.15 -8.09 30.70
N TYR A 331 -20.99 -7.09 31.01
CA TYR A 331 -20.75 -6.13 32.08
C TYR A 331 -20.20 -6.75 33.39
N PRO A 332 -20.85 -7.72 34.08
CA PRO A 332 -20.26 -8.22 35.33
C PRO A 332 -18.89 -8.87 35.18
N TYR A 333 -18.62 -9.48 34.03
CA TYR A 333 -17.33 -10.08 33.75
C TYR A 333 -16.28 -8.99 33.50
N MET A 334 -16.68 -7.88 32.86
CA MET A 334 -15.76 -6.77 32.62
C MET A 334 -15.47 -6.05 33.93
N GLU A 335 -16.47 -5.93 34.83
CA GLU A 335 -16.36 -5.33 36.14
C GLU A 335 -15.35 -6.13 36.98
N LYS A 336 -15.44 -7.47 36.92
CA LYS A 336 -14.53 -8.37 37.62
C LYS A 336 -13.11 -8.18 37.10
N TYR A 337 -12.94 -8.01 35.79
CA TYR A 337 -11.65 -7.78 35.15
C TYR A 337 -11.01 -6.46 35.63
N TYR A 338 -11.82 -5.42 35.75
CA TYR A 338 -11.39 -4.09 36.19
C TYR A 338 -10.88 -4.09 37.65
N ASN A 339 -11.59 -4.77 38.55
CA ASN A 339 -11.20 -4.89 39.95
C ASN A 339 -9.94 -5.76 40.09
N GLU A 340 -9.85 -6.86 39.33
CA GLU A 340 -8.69 -7.75 39.40
C GLU A 340 -7.44 -7.07 38.88
N ASN A 341 -7.53 -6.42 37.72
CA ASN A 341 -6.42 -5.67 37.11
C ASN A 341 -6.57 -4.16 37.50
N PHE A 342 -5.70 -3.27 36.98
CA PHE A 342 -5.80 -1.83 37.31
C PHE A 342 -5.42 -1.58 38.78
N ASN B 19 19.98 25.88 20.93
CA ASN B 19 20.92 25.27 19.99
C ASN B 19 20.22 24.47 18.91
N LEU B 20 18.94 24.04 19.15
CA LEU B 20 18.12 23.20 18.27
C LEU B 20 18.48 23.26 16.78
N TYR B 21 18.27 22.13 16.14
CA TYR B 21 18.70 21.93 14.78
C TYR B 21 17.53 21.73 13.88
N PHE B 22 17.49 22.45 12.75
CA PHE B 22 16.47 22.22 11.75
C PHE B 22 16.81 20.91 11.01
N GLN B 23 16.02 20.53 9.98
CA GLN B 23 16.23 19.29 9.23
C GLN B 23 17.65 19.18 8.69
N GLY B 24 18.26 18.04 8.95
CA GLY B 24 19.59 17.77 8.44
C GLY B 24 19.48 16.97 7.15
N HIS B 25 20.31 15.95 7.05
CA HIS B 25 20.32 15.08 5.89
C HIS B 25 19.04 14.30 5.76
N MET B 26 18.63 14.13 4.53
CA MET B 26 17.49 13.31 4.20
C MET B 26 17.98 11.96 3.70
N TYR B 27 17.06 11.00 3.54
CA TYR B 27 17.32 9.69 2.93
C TYR B 27 18.15 8.76 3.76
N ASN B 28 18.15 8.94 5.08
CA ASN B 28 18.93 8.09 5.94
C ASN B 28 18.11 7.20 6.87
N LYS B 29 16.82 7.04 6.60
CA LYS B 29 15.97 6.18 7.43
C LYS B 29 15.83 4.77 6.89
N THR B 30 16.23 4.54 5.63
CA THR B 30 16.13 3.23 5.02
C THR B 30 17.40 2.93 4.21
N VAL B 31 17.72 1.66 4.07
CA VAL B 31 18.84 1.20 3.25
C VAL B 31 18.49 -0.20 2.71
N SER B 32 19.04 -0.53 1.54
CA SER B 32 18.85 -1.81 0.91
C SER B 32 20.16 -2.42 0.54
N ILE B 33 20.24 -3.76 0.63
CA ILE B 33 21.41 -4.52 0.22
C ILE B 33 20.96 -5.54 -0.80
N ASN B 34 21.63 -5.56 -1.96
CA ASN B 34 21.36 -6.57 -2.95
C ASN B 34 22.40 -7.66 -2.67
N LEU B 35 21.92 -8.78 -2.07
CA LEU B 35 22.78 -9.86 -1.59
C LEU B 35 23.53 -10.63 -2.64
N ASP B 36 22.96 -10.77 -3.83
CA ASP B 36 23.57 -11.60 -4.85
C ASP B 36 22.79 -11.50 -6.15
N SER B 37 23.47 -11.70 -7.28
CA SER B 37 22.80 -11.79 -8.58
C SER B 37 22.31 -13.25 -8.88
N ARG B 38 22.78 -14.25 -8.12
N ARG B 38 22.80 -14.25 -8.13
CA ARG B 38 22.39 -15.63 -8.32
CA ARG B 38 22.42 -15.64 -8.33
C ARG B 38 20.92 -15.81 -8.00
C ARG B 38 20.94 -15.83 -7.99
N CYS B 39 20.23 -16.57 -8.85
CA CYS B 39 18.80 -16.82 -8.69
C CYS B 39 18.51 -18.24 -9.17
N ASN B 40 17.46 -18.88 -8.68
CA ASN B 40 17.06 -20.21 -9.20
C ASN B 40 16.34 -20.03 -10.58
N ALA B 41 15.67 -18.87 -10.78
CA ALA B 41 14.95 -18.51 -11.99
C ALA B 41 15.89 -17.81 -13.02
N SER B 42 15.42 -17.59 -14.26
CA SER B 42 16.15 -16.92 -15.34
C SER B 42 15.09 -16.14 -16.14
N CYS B 43 14.25 -15.35 -15.45
CA CYS B 43 13.17 -14.57 -16.08
C CYS B 43 13.64 -13.77 -17.30
N ASP B 44 12.84 -13.78 -18.35
CA ASP B 44 13.20 -13.07 -19.59
C ASP B 44 13.16 -11.54 -19.47
N HIS B 45 12.60 -10.99 -18.38
CA HIS B 45 12.58 -9.55 -18.18
C HIS B 45 13.64 -9.05 -17.18
N CYS B 46 14.26 -9.97 -16.41
CA CYS B 46 15.14 -9.62 -15.29
C CYS B 46 16.14 -8.49 -15.58
N CYS B 47 15.99 -7.38 -14.85
CA CYS B 47 16.86 -6.21 -14.99
C CYS B 47 18.32 -6.53 -14.69
N PHE B 48 18.59 -7.61 -13.91
CA PHE B 48 19.94 -8.06 -13.57
C PHE B 48 20.41 -9.25 -14.38
N SER B 49 19.55 -9.83 -15.26
CA SER B 49 19.82 -11.05 -16.01
C SER B 49 20.21 -12.18 -15.05
N SER B 50 19.54 -12.24 -13.89
CA SER B 50 19.82 -13.24 -12.87
C SER B 50 19.53 -14.63 -13.39
N SER B 51 20.31 -15.60 -12.92
CA SER B 51 20.24 -17.00 -13.32
C SER B 51 21.05 -17.84 -12.31
N PRO B 52 20.92 -19.19 -12.30
CA PRO B 52 21.74 -20.01 -11.39
C PRO B 52 23.25 -19.85 -11.55
N THR B 53 23.72 -19.35 -12.71
CA THR B 53 25.15 -19.20 -12.97
C THR B 53 25.65 -17.75 -12.86
N SER B 54 24.84 -16.82 -12.31
CA SER B 54 25.24 -15.44 -12.17
C SER B 54 26.31 -15.31 -11.10
N THR B 55 27.43 -14.65 -11.42
CA THR B 55 28.55 -14.54 -10.50
C THR B 55 28.74 -13.17 -9.86
N THR B 56 27.90 -12.16 -10.17
CA THR B 56 28.09 -10.83 -9.62
C THR B 56 27.54 -10.72 -8.22
N ARG B 57 28.42 -10.42 -7.25
CA ARG B 57 28.02 -10.29 -5.86
CA ARG B 57 28.02 -10.26 -5.85
C ARG B 57 29.16 -9.71 -5.01
N MET B 58 28.82 -9.03 -3.93
CA MET B 58 29.81 -8.53 -2.98
C MET B 58 30.20 -9.74 -2.09
N GLU B 59 31.40 -9.72 -1.49
CA GLU B 59 31.82 -10.83 -0.62
C GLU B 59 30.92 -10.94 0.61
N LYS B 60 30.74 -12.17 1.13
CA LYS B 60 29.90 -12.42 2.29
C LYS B 60 30.37 -11.64 3.52
N GLU B 61 31.70 -11.60 3.76
CA GLU B 61 32.22 -10.90 4.92
C GLU B 61 31.99 -9.38 4.83
N TYR B 62 32.10 -8.84 3.61
CA TYR B 62 31.85 -7.44 3.33
C TYR B 62 30.35 -7.13 3.59
N ILE B 63 29.45 -8.04 3.18
CA ILE B 63 28.02 -7.88 3.46
C ILE B 63 27.75 -7.93 4.98
N ARG B 64 28.39 -8.83 5.72
CA ARG B 64 28.24 -8.91 7.18
C ARG B 64 28.61 -7.58 7.86
N GLU B 65 29.70 -6.94 7.37
CA GLU B 65 30.15 -5.65 7.86
C GLU B 65 29.14 -4.55 7.53
N LEU B 66 28.57 -4.53 6.32
CA LEU B 66 27.57 -3.52 5.97
C LEU B 66 26.33 -3.71 6.85
N VAL B 67 25.83 -4.94 6.99
CA VAL B 67 24.66 -5.21 7.82
C VAL B 67 24.91 -4.81 9.29
N THR B 68 26.12 -5.10 9.85
CA THR B 68 26.46 -4.74 11.24
C THR B 68 26.42 -3.22 11.41
N GLU B 69 27.00 -2.50 10.46
CA GLU B 69 27.01 -1.06 10.47
C GLU B 69 25.59 -0.49 10.39
N PHE B 70 24.73 -1.05 9.50
CA PHE B 70 23.36 -0.57 9.35
C PHE B 70 22.51 -0.84 10.58
N ALA B 71 22.78 -1.95 11.28
CA ALA B 71 22.08 -2.30 12.51
C ALA B 71 22.51 -1.36 13.62
N LYS B 72 23.81 -1.01 13.70
CA LYS B 72 24.31 -0.08 14.71
C LYS B 72 23.95 1.38 14.44
N ASN B 73 23.69 1.73 13.17
CA ASN B 73 23.38 3.09 12.74
C ASN B 73 22.18 3.68 13.47
N LYS B 74 22.33 4.93 13.94
CA LYS B 74 21.30 5.59 14.72
C LYS B 74 20.09 6.06 13.93
N THR B 75 20.22 6.30 12.60
CA THR B 75 19.07 6.79 11.82
C THR B 75 18.31 5.74 11.02
N ILE B 76 18.98 4.68 10.53
CA ILE B 76 18.32 3.62 9.75
C ILE B 76 17.27 2.89 10.59
N GLN B 77 16.04 2.84 10.12
CA GLN B 77 14.92 2.18 10.77
C GLN B 77 14.58 0.88 10.02
N VAL B 78 14.73 0.87 8.69
CA VAL B 78 14.38 -0.24 7.82
C VAL B 78 15.56 -0.67 6.95
N ILE B 79 15.86 -1.99 6.96
CA ILE B 79 16.87 -2.60 6.12
C ILE B 79 16.15 -3.59 5.20
N SER B 80 16.32 -3.41 3.88
CA SER B 80 15.67 -4.27 2.91
C SER B 80 16.68 -5.12 2.21
N PHE B 81 16.31 -6.40 1.96
CA PHE B 81 17.18 -7.30 1.24
C PHE B 81 16.53 -7.64 -0.08
N THR B 82 17.36 -7.70 -1.13
CA THR B 82 16.92 -8.03 -2.48
C THR B 82 18.06 -8.76 -3.26
N GLY B 83 17.76 -9.27 -4.45
CA GLY B 83 18.74 -9.99 -5.26
C GLY B 83 18.46 -9.81 -6.74
N GLY B 84 18.53 -10.89 -7.52
CA GLY B 84 18.79 -12.25 -7.09
C GLY B 84 17.67 -12.83 -6.26
N GLU B 85 17.86 -14.05 -5.75
CA GLU B 85 16.88 -14.68 -4.87
C GLU B 85 17.48 -14.81 -3.46
N VAL B 86 17.05 -13.97 -2.51
CA VAL B 86 17.61 -13.95 -1.15
C VAL B 86 17.35 -15.22 -0.35
N PHE B 87 16.31 -15.98 -0.71
CA PHE B 87 16.04 -17.23 0.01
C PHE B 87 16.87 -18.41 -0.53
N LEU B 88 17.59 -18.23 -1.65
CA LEU B 88 18.42 -19.28 -2.25
C LEU B 88 19.50 -19.72 -1.25
N ASP B 89 20.14 -18.78 -0.56
CA ASP B 89 21.10 -19.09 0.50
C ASP B 89 20.44 -18.60 1.78
N TYR B 90 19.43 -19.33 2.25
CA TYR B 90 18.69 -18.96 3.44
C TYR B 90 19.54 -18.89 4.71
N LYS B 91 20.49 -19.80 4.90
CA LYS B 91 21.33 -19.77 6.10
C LYS B 91 22.06 -18.40 6.25
N PHE B 92 22.55 -17.84 5.15
CA PHE B 92 23.20 -16.54 5.18
C PHE B 92 22.20 -15.39 5.42
N LEU B 93 20.99 -15.47 4.84
CA LEU B 93 19.96 -14.46 5.07
C LEU B 93 19.55 -14.46 6.55
N LYS B 94 19.34 -15.64 7.15
CA LYS B 94 18.95 -15.74 8.55
C LYS B 94 20.06 -15.21 9.47
N GLU B 95 21.32 -15.48 9.11
CA GLU B 95 22.46 -14.97 9.86
C GLU B 95 22.48 -13.41 9.82
N LEU B 96 22.18 -12.81 8.67
CA LEU B 96 22.11 -11.35 8.56
C LEU B 96 20.94 -10.79 9.38
N MET B 97 19.81 -11.48 9.36
CA MET B 97 18.65 -11.06 10.14
C MET B 97 18.95 -11.15 11.65
N GLU B 98 19.77 -12.12 12.06
CA GLU B 98 20.18 -12.30 13.45
C GLU B 98 21.15 -11.21 13.93
N ILE B 99 22.00 -10.68 13.01
CA ILE B 99 22.90 -9.57 13.37
C ILE B 99 22.06 -8.34 13.75
N ILE B 100 21.00 -8.07 12.97
CA ILE B 100 20.13 -6.94 13.16
C ILE B 100 19.24 -7.04 14.40
N LYS B 101 18.80 -8.27 14.73
CA LYS B 101 17.86 -8.56 15.82
C LYS B 101 18.13 -7.76 17.12
N PRO B 102 19.32 -7.78 17.75
CA PRO B 102 19.49 -7.01 19.00
C PRO B 102 19.32 -5.51 18.87
N TYR B 103 19.46 -4.96 17.65
CA TYR B 103 19.28 -3.54 17.40
C TYR B 103 17.83 -3.14 17.04
N GLU B 104 16.91 -4.12 16.91
CA GLU B 104 15.49 -3.94 16.66
C GLU B 104 15.12 -3.13 15.41
N LYS B 105 15.93 -3.24 14.34
CA LYS B 105 15.58 -2.58 13.10
C LYS B 105 14.52 -3.43 12.36
N GLN B 106 13.69 -2.77 11.56
CA GLN B 106 12.67 -3.42 10.76
C GLN B 106 13.30 -3.94 9.48
N ILE B 107 12.82 -5.12 9.04
CA ILE B 107 13.36 -5.73 7.82
C ILE B 107 12.27 -5.95 6.77
N THR B 108 12.62 -5.78 5.48
CA THR B 108 11.71 -6.15 4.40
C THR B 108 12.42 -7.14 3.50
N LEU B 109 11.65 -8.08 2.94
CA LEU B 109 12.17 -9.10 2.03
C LEU B 109 11.33 -9.15 0.77
N ILE B 110 11.96 -9.52 -0.34
CA ILE B 110 11.30 -9.72 -1.63
C ILE B 110 11.79 -11.08 -2.18
N SER B 111 10.86 -11.88 -2.75
CA SER B 111 11.19 -13.23 -3.17
C SER B 111 10.34 -13.73 -4.31
N ASN B 112 10.87 -14.66 -5.09
CA ASN B 112 10.10 -15.35 -6.12
C ASN B 112 9.25 -16.53 -5.54
N GLY B 113 9.37 -16.77 -4.22
CA GLY B 113 8.62 -17.79 -3.50
C GLY B 113 8.90 -19.23 -3.92
N PHE B 114 10.09 -19.52 -4.50
CA PHE B 114 10.40 -20.88 -4.93
C PHE B 114 10.27 -21.87 -3.75
N TRP B 115 10.58 -21.41 -2.53
CA TRP B 115 10.57 -22.16 -1.28
C TRP B 115 9.17 -22.57 -0.84
N GLY B 116 8.11 -22.06 -1.48
CA GLY B 116 6.73 -22.44 -1.19
C GLY B 116 6.38 -23.86 -1.60
N LEU B 117 7.22 -24.51 -2.43
CA LEU B 117 7.05 -25.92 -2.86
C LEU B 117 7.09 -26.87 -1.65
N SER B 118 7.80 -26.48 -0.60
CA SER B 118 7.99 -27.18 0.66
C SER B 118 7.15 -26.51 1.75
N LYS B 119 6.12 -27.20 2.25
CA LYS B 119 5.31 -26.69 3.35
C LYS B 119 6.12 -26.56 4.65
N LYS B 120 7.18 -27.39 4.82
CA LYS B 120 8.08 -27.32 5.97
C LYS B 120 8.89 -26.01 5.92
N LYS B 121 9.48 -25.64 4.77
CA LYS B 121 10.18 -24.36 4.64
C LYS B 121 9.19 -23.19 4.90
N VAL B 122 7.96 -23.25 4.36
CA VAL B 122 6.97 -22.18 4.60
C VAL B 122 6.73 -21.97 6.11
N GLN B 123 6.50 -23.06 6.84
CA GLN B 123 6.29 -22.98 8.27
C GLN B 123 7.54 -22.38 9.00
N GLU B 124 8.72 -22.91 8.69
CA GLU B 124 9.96 -22.46 9.30
C GLU B 124 10.31 -21.00 9.00
N TYR B 125 10.22 -20.56 7.73
CA TYR B 125 10.59 -19.20 7.34
C TYR B 125 9.62 -18.16 7.89
N PHE B 126 8.31 -18.45 7.92
CA PHE B 126 7.36 -17.48 8.49
C PHE B 126 7.62 -17.31 10.00
N HIS B 127 8.00 -18.40 10.69
CA HIS B 127 8.31 -18.34 12.11
C HIS B 127 9.55 -17.45 12.32
N ASP B 128 10.58 -17.67 11.49
CA ASP B 128 11.81 -16.85 11.56
C ASP B 128 11.51 -15.36 11.23
N MET B 129 10.81 -15.06 10.13
CA MET B 129 10.48 -13.70 9.72
C MET B 129 9.70 -12.98 10.84
N ASN B 130 8.75 -13.67 11.47
CA ASN B 130 7.98 -13.08 12.54
C ASN B 130 8.83 -12.78 13.77
N SER B 131 9.78 -13.67 14.12
CA SER B 131 10.63 -13.41 15.28
C SER B 131 11.80 -12.47 14.97
N LEU B 132 12.10 -12.19 13.70
CA LEU B 132 13.23 -11.34 13.32
C LEU B 132 12.81 -9.95 12.77
N ASN B 133 11.61 -9.49 13.17
N ASN B 133 11.61 -9.49 13.17
CA ASN B 133 11.09 -8.17 12.82
CA ASN B 133 11.04 -8.19 12.84
C ASN B 133 10.98 -7.91 11.32
C ASN B 133 10.96 -7.91 11.33
N VAL B 134 10.55 -8.91 10.54
CA VAL B 134 10.33 -8.74 9.12
C VAL B 134 8.91 -8.17 9.00
N ILE B 135 8.80 -6.90 8.58
CA ILE B 135 7.51 -6.22 8.54
C ILE B 135 6.81 -6.35 7.19
N ALA B 136 7.53 -6.75 6.14
CA ALA B 136 6.95 -6.86 4.82
C ALA B 136 7.62 -7.94 4.02
N LEU B 137 6.81 -8.67 3.26
CA LEU B 137 7.28 -9.69 2.35
C LEU B 137 6.57 -9.47 1.01
N THR B 138 7.36 -9.22 -0.05
CA THR B 138 6.83 -9.09 -1.37
C THR B 138 7.14 -10.36 -2.16
N ILE B 139 6.12 -10.94 -2.78
CA ILE B 139 6.30 -12.12 -3.59
C ILE B 139 6.12 -11.71 -5.03
N SER B 140 7.06 -12.07 -5.89
CA SER B 140 6.95 -11.77 -7.32
C SER B 140 6.49 -13.00 -8.08
N TYR B 141 5.31 -12.90 -8.76
CA TYR B 141 4.80 -14.00 -9.56
C TYR B 141 4.05 -13.39 -10.75
N ASP B 142 4.32 -13.91 -11.92
CA ASP B 142 3.75 -13.46 -13.20
C ASP B 142 4.14 -14.51 -14.28
N GLU B 143 3.78 -14.27 -15.56
CA GLU B 143 4.11 -15.18 -16.65
C GLU B 143 5.61 -15.31 -16.92
N TYR B 144 6.41 -14.34 -16.49
CA TYR B 144 7.88 -14.42 -16.65
C TYR B 144 8.49 -15.31 -15.56
N HIS B 145 7.90 -15.34 -14.36
CA HIS B 145 8.37 -16.15 -13.24
C HIS B 145 7.81 -17.59 -13.28
N ALA B 146 6.58 -17.76 -13.85
CA ALA B 146 5.84 -19.02 -13.96
C ALA B 146 6.62 -20.21 -14.52
N PRO B 147 7.52 -20.10 -15.53
CA PRO B 147 8.28 -21.29 -15.96
C PRO B 147 9.22 -21.86 -14.87
N PHE B 148 9.52 -21.09 -13.83
CA PHE B 148 10.48 -21.49 -12.77
C PHE B 148 9.85 -21.83 -11.41
N VAL B 149 8.63 -21.33 -11.16
CA VAL B 149 7.97 -21.55 -9.86
C VAL B 149 6.52 -21.96 -10.11
N LYS B 150 6.06 -23.02 -9.46
CA LYS B 150 4.68 -23.49 -9.63
C LYS B 150 3.71 -22.56 -8.92
N SER B 151 2.49 -22.42 -9.44
CA SER B 151 1.44 -21.60 -8.83
C SER B 151 1.11 -22.09 -7.41
N SER B 152 1.14 -23.40 -7.19
CA SER B 152 0.86 -23.99 -5.88
C SER B 152 1.87 -23.56 -4.82
N SER B 153 3.12 -23.30 -5.22
CA SER B 153 4.15 -22.84 -4.29
C SER B 153 3.83 -21.44 -3.75
N ILE B 154 3.29 -20.57 -4.63
CA ILE B 154 2.89 -19.21 -4.29
C ILE B 154 1.68 -19.27 -3.36
N LYS B 155 0.71 -20.12 -3.68
CA LYS B 155 -0.50 -20.30 -2.86
C LYS B 155 -0.15 -20.72 -1.45
N ASN B 156 0.85 -21.63 -1.28
CA ASN B 156 1.25 -22.11 0.04
C ASN B 156 1.74 -20.93 0.89
N ILE B 157 2.55 -20.06 0.32
CA ILE B 157 3.06 -18.88 1.02
C ILE B 157 1.92 -17.91 1.34
N LEU B 158 1.07 -17.57 0.34
CA LEU B 158 -0.02 -16.63 0.56
C LEU B 158 -1.03 -17.12 1.60
N GLU B 159 -1.33 -18.42 1.61
CA GLU B 159 -2.25 -18.97 2.59
C GLU B 159 -1.66 -18.95 3.99
N HIS B 160 -0.41 -19.39 4.17
CA HIS B 160 0.21 -19.42 5.49
C HIS B 160 0.44 -17.99 6.05
N SER B 161 0.61 -17.00 5.18
CA SER B 161 0.78 -15.61 5.61
C SER B 161 -0.41 -15.08 6.42
N ARG B 162 -1.61 -15.66 6.26
N ARG B 162 -1.61 -15.68 6.26
CA ARG B 162 -2.77 -15.25 7.03
CA ARG B 162 -2.79 -15.28 7.04
C ARG B 162 -2.54 -15.43 8.54
C ARG B 162 -2.59 -15.48 8.54
N LYS B 163 -1.73 -16.43 8.92
CA LYS B 163 -1.40 -16.70 10.32
C LYS B 163 -0.45 -15.64 10.94
N TYR B 164 0.10 -14.74 10.11
CA TYR B 164 1.05 -13.72 10.47
C TYR B 164 0.56 -12.35 10.00
N PRO B 165 -0.52 -11.82 10.62
CA PRO B 165 -1.05 -10.52 10.18
C PRO B 165 -0.12 -9.32 10.33
N ASP B 166 0.96 -9.43 11.13
CA ASP B 166 1.92 -8.31 11.27
C ASP B 166 2.94 -8.24 10.12
N ILE B 167 2.92 -9.20 9.19
CA ILE B 167 3.81 -9.14 8.04
C ILE B 167 2.96 -8.68 6.84
N ASP B 168 3.27 -7.52 6.28
CA ASP B 168 2.51 -7.00 5.14
C ASP B 168 2.89 -7.77 3.89
N ILE B 169 1.93 -8.47 3.27
CA ILE B 169 2.22 -9.28 2.07
C ILE B 169 1.81 -8.58 0.80
N SER B 170 2.70 -8.56 -0.20
CA SER B 170 2.38 -7.96 -1.48
C SER B 170 2.69 -8.97 -2.58
N LEU B 171 2.01 -8.84 -3.73
CA LEU B 171 2.24 -9.66 -4.89
C LEU B 171 2.61 -8.68 -6.04
N ASN B 172 3.82 -8.79 -6.57
CA ASN B 172 4.32 -7.95 -7.65
C ASN B 172 4.25 -8.72 -8.93
N MET B 173 3.59 -8.20 -9.98
CA MET B 173 3.48 -8.88 -11.25
C MET B 173 4.02 -8.00 -12.40
N ALA B 174 5.13 -8.40 -12.99
CA ALA B 174 5.74 -7.71 -14.12
C ALA B 174 5.02 -8.18 -15.37
N VAL B 175 4.43 -7.24 -16.13
CA VAL B 175 3.64 -7.59 -17.29
C VAL B 175 4.09 -6.84 -18.57
N THR B 176 3.73 -7.42 -19.72
CA THR B 176 3.85 -6.86 -21.06
C THR B 176 2.48 -7.00 -21.75
N LYS B 177 2.26 -6.35 -22.91
CA LYS B 177 0.96 -6.42 -23.60
C LYS B 177 0.56 -7.83 -24.03
N ASP B 178 1.56 -8.69 -24.29
CA ASP B 178 1.35 -10.08 -24.68
C ASP B 178 1.25 -11.03 -23.46
N LYS B 179 1.74 -10.60 -22.29
CA LYS B 179 1.76 -11.38 -21.06
C LYS B 179 1.28 -10.52 -19.89
N MET B 180 -0.04 -10.35 -19.78
CA MET B 180 -0.71 -9.51 -18.80
C MET B 180 -1.05 -10.18 -17.46
N SER B 181 -0.72 -11.47 -17.29
CA SER B 181 -0.95 -12.23 -16.05
C SER B 181 -2.41 -12.30 -15.59
N ASN B 182 -3.36 -12.31 -16.54
CA ASN B 182 -4.78 -12.39 -16.18
C ASN B 182 -5.19 -13.76 -15.63
N HIS B 183 -4.55 -14.81 -16.11
CA HIS B 183 -4.88 -16.16 -15.66
C HIS B 183 -4.12 -16.59 -14.44
N ILE B 184 -2.91 -16.04 -14.22
CA ILE B 184 -2.06 -16.28 -13.05
C ILE B 184 -2.86 -15.97 -11.77
N LEU B 185 -3.54 -14.83 -11.76
CA LEU B 185 -4.32 -14.37 -10.62
C LEU B 185 -5.53 -15.28 -10.33
N GLU B 186 -6.21 -15.74 -11.39
CA GLU B 186 -7.36 -16.63 -11.23
CA GLU B 186 -7.35 -16.64 -11.27
C GLU B 186 -6.93 -17.98 -10.63
N GLU B 187 -5.78 -18.51 -11.08
CA GLU B 187 -5.20 -19.78 -10.63
C GLU B 187 -4.80 -19.77 -9.12
N LEU B 188 -4.52 -18.56 -8.56
CA LEU B 188 -4.18 -18.45 -7.14
C LEU B 188 -5.39 -18.57 -6.20
N GLY B 189 -6.61 -18.53 -6.74
CA GLY B 189 -7.82 -18.71 -5.97
C GLY B 189 -8.05 -17.66 -4.90
N ASP B 190 -8.50 -18.09 -3.73
CA ASP B 190 -8.76 -17.20 -2.62
C ASP B 190 -7.52 -16.77 -1.83
N SER B 191 -6.35 -17.38 -2.12
CA SER B 191 -5.11 -17.06 -1.41
C SER B 191 -4.68 -15.61 -1.63
N ILE B 192 -5.21 -14.92 -2.67
CA ILE B 192 -4.87 -13.52 -2.90
C ILE B 192 -5.74 -12.54 -2.15
N LEU B 193 -6.80 -12.99 -1.48
CA LEU B 193 -7.68 -12.10 -0.74
C LEU B 193 -6.91 -11.43 0.41
N GLY B 194 -6.97 -10.11 0.47
CA GLY B 194 -6.24 -9.33 1.46
C GLY B 194 -4.81 -9.03 1.09
N VAL B 195 -4.31 -9.49 -0.06
CA VAL B 195 -2.92 -9.26 -0.48
C VAL B 195 -2.89 -8.03 -1.42
N LYS B 196 -1.91 -7.13 -1.27
CA LYS B 196 -1.79 -5.98 -2.16
C LYS B 196 -1.16 -6.41 -3.46
N ILE B 197 -1.90 -6.32 -4.57
CA ILE B 197 -1.37 -6.70 -5.86
C ILE B 197 -1.02 -5.48 -6.69
N THR B 198 0.17 -5.47 -7.29
CA THR B 198 0.53 -4.40 -8.20
C THR B 198 1.07 -5.03 -9.47
N LYS B 199 0.42 -4.74 -10.59
CA LYS B 199 0.90 -5.12 -11.90
C LYS B 199 1.69 -3.90 -12.40
N PHE B 200 2.89 -4.12 -12.94
CA PHE B 200 3.71 -3.02 -13.41
C PHE B 200 4.34 -3.30 -14.76
N PRO B 201 4.65 -2.26 -15.54
CA PRO B 201 5.27 -2.50 -16.84
C PRO B 201 6.78 -2.71 -16.73
N MET B 202 7.42 -3.07 -17.85
CA MET B 202 8.85 -3.32 -17.88
C MET B 202 9.70 -2.08 -18.04
N ILE B 203 10.87 -2.09 -17.39
CA ILE B 203 11.90 -1.12 -17.63
C ILE B 203 12.83 -1.83 -18.65
N SER B 204 13.19 -1.14 -19.73
CA SER B 204 14.00 -1.73 -20.78
C SER B 204 15.50 -1.80 -20.38
N VAL B 205 15.83 -2.68 -19.43
CA VAL B 205 17.16 -2.92 -18.86
C VAL B 205 17.35 -4.44 -18.72
N GLY B 206 18.61 -4.88 -18.69
CA GLY B 206 18.96 -6.28 -18.50
C GLY B 206 18.36 -7.18 -19.56
N ALA B 207 17.80 -8.33 -19.15
CA ALA B 207 17.21 -9.27 -20.11
C ALA B 207 15.99 -8.69 -20.86
N ALA B 208 15.30 -7.67 -20.30
CA ALA B 208 14.15 -7.08 -20.98
C ALA B 208 14.54 -6.36 -22.30
N LYS B 209 15.78 -5.84 -22.38
CA LYS B 209 16.31 -5.15 -23.56
C LYS B 209 16.39 -6.07 -24.78
N THR B 210 16.79 -7.33 -24.57
CA THR B 210 17.03 -8.24 -25.67
C THR B 210 16.02 -9.38 -25.83
N ARG B 211 15.29 -9.73 -24.76
CA ARG B 211 14.37 -10.88 -24.83
C ARG B 211 12.91 -10.51 -24.99
N ILE B 212 12.57 -9.22 -24.87
CA ILE B 212 11.20 -8.77 -25.02
C ILE B 212 11.12 -7.75 -26.16
N LYS B 213 10.10 -7.87 -27.03
CA LYS B 213 9.90 -6.94 -28.14
C LYS B 213 9.48 -5.57 -27.56
N GLN B 214 10.08 -4.47 -28.03
CA GLN B 214 9.77 -3.14 -27.49
C GLN B 214 8.30 -2.75 -27.69
N GLU B 215 7.65 -3.28 -28.73
CA GLU B 215 6.22 -3.05 -29.01
C GLU B 215 5.34 -3.65 -27.89
N ASN B 216 5.85 -4.65 -27.14
CA ASN B 216 5.11 -5.28 -26.06
C ASN B 216 5.26 -4.54 -24.71
N ILE B 217 6.19 -3.57 -24.62
CA ILE B 217 6.39 -2.75 -23.43
C ILE B 217 5.43 -1.56 -23.47
N HIS B 218 4.59 -1.39 -22.45
CA HIS B 218 3.60 -0.32 -22.38
C HIS B 218 4.26 1.06 -22.36
N LYS B 219 3.68 2.03 -23.06
CA LYS B 219 4.22 3.39 -23.06
C LYS B 219 3.20 4.31 -22.41
N PHE B 220 3.52 4.83 -21.23
CA PHE B 220 2.59 5.68 -20.48
C PHE B 220 3.00 7.12 -20.39
N TYR B 221 4.29 7.41 -20.54
CA TYR B 221 4.79 8.77 -20.42
C TYR B 221 5.42 9.23 -21.72
N SER B 222 5.36 10.53 -21.99
CA SER B 222 5.97 11.08 -23.18
C SER B 222 6.77 12.35 -22.84
N LEU B 223 7.59 12.81 -23.77
CA LEU B 223 8.40 14.01 -23.56
C LEU B 223 7.56 15.30 -23.35
N GLU B 224 6.29 15.31 -23.79
CA GLU B 224 5.41 16.48 -23.66
C GLU B 224 4.80 16.68 -22.26
N ASP B 225 4.48 15.60 -21.54
CA ASP B 225 3.93 15.74 -20.17
C ASP B 225 5.03 15.91 -19.13
N GLU B 226 5.92 16.91 -19.32
CA GLU B 226 7.06 17.25 -18.45
C GLU B 226 6.68 17.60 -17.01
N ASP B 227 5.55 18.28 -16.82
CA ASP B 227 5.13 18.71 -15.49
C ASP B 227 4.65 17.56 -14.57
N SER B 228 4.41 16.38 -15.16
CA SER B 228 4.03 15.14 -14.48
C SER B 228 5.30 14.34 -14.04
N LEU B 229 6.46 14.60 -14.69
CA LEU B 229 7.72 13.89 -14.49
C LEU B 229 8.53 14.40 -13.28
N HIS B 230 8.38 13.70 -12.16
CA HIS B 230 9.09 14.03 -10.93
C HIS B 230 9.47 12.72 -10.26
N CYS B 231 10.72 12.63 -9.81
CA CYS B 231 11.21 11.44 -9.15
C CYS B 231 10.50 11.26 -7.79
N PRO B 232 10.06 10.03 -7.49
CA PRO B 232 9.35 9.81 -6.21
C PRO B 232 10.19 9.97 -4.94
N GLY B 233 11.52 9.99 -5.07
CA GLY B 233 12.38 10.14 -3.90
C GLY B 233 13.55 9.18 -3.90
N TYR B 234 14.62 9.54 -3.18
CA TYR B 234 15.82 8.70 -3.15
C TYR B 234 15.74 7.62 -2.09
N ASP B 235 16.38 6.47 -2.34
CA ASP B 235 16.40 5.31 -1.44
C ASP B 235 17.68 4.58 -1.71
N ILE B 236 18.68 4.71 -0.82
CA ILE B 236 20.02 4.15 -1.01
C ILE B 236 20.04 2.62 -1.11
N VAL B 237 20.68 2.12 -2.18
N VAL B 237 20.73 2.13 -2.16
CA VAL B 237 20.83 0.68 -2.36
CA VAL B 237 20.85 0.73 -2.44
C VAL B 237 22.30 0.32 -2.58
C VAL B 237 22.31 0.33 -2.60
N TYR B 238 22.79 -0.62 -1.79
CA TYR B 238 24.15 -1.11 -1.91
C TYR B 238 23.99 -2.34 -2.80
N HIS B 239 24.38 -2.20 -4.08
CA HIS B 239 24.12 -3.17 -5.14
C HIS B 239 25.15 -4.32 -5.23
N HIS B 240 24.74 -5.48 -5.82
CA HIS B 240 25.58 -6.66 -5.97
C HIS B 240 26.80 -6.42 -6.88
N ASP B 241 26.81 -5.33 -7.66
CA ASP B 241 27.98 -5.00 -8.48
C ASP B 241 29.05 -4.23 -7.66
N GLY B 242 28.79 -3.98 -6.37
CA GLY B 242 29.73 -3.26 -5.50
C GLY B 242 29.51 -1.76 -5.48
N GLU B 243 28.55 -1.24 -6.26
CA GLU B 243 28.26 0.19 -6.29
C GLU B 243 27.08 0.55 -5.36
N ILE B 244 26.85 1.86 -5.18
CA ILE B 244 25.76 2.36 -4.36
C ILE B 244 24.94 3.29 -5.26
N TYR B 245 23.63 3.10 -5.28
CA TYR B 245 22.75 3.88 -6.14
C TYR B 245 21.78 4.71 -5.32
N PRO B 246 21.30 5.85 -5.89
CA PRO B 246 20.37 6.69 -5.13
C PRO B 246 18.92 6.17 -5.10
N CYS B 247 18.62 5.03 -5.71
CA CYS B 247 17.25 4.48 -5.69
C CYS B 247 17.25 2.97 -6.03
N ALA B 248 16.08 2.29 -5.92
CA ALA B 248 15.96 0.86 -6.26
C ALA B 248 15.12 0.59 -7.50
N SER B 249 15.05 1.55 -8.41
CA SER B 249 14.35 1.38 -9.66
C SER B 249 15.28 0.58 -10.59
N PRO B 250 14.73 -0.36 -11.39
CA PRO B 250 15.59 -1.10 -12.32
C PRO B 250 16.39 -0.22 -13.28
N ALA B 251 15.88 1.00 -13.57
CA ALA B 251 16.50 1.96 -14.48
C ALA B 251 17.82 2.54 -13.99
N ILE B 252 17.98 2.71 -12.66
CA ILE B 252 19.18 3.33 -12.10
C ILE B 252 20.45 2.53 -12.29
N PHE B 253 20.35 1.21 -12.31
CA PHE B 253 21.51 0.32 -12.41
C PHE B 253 22.26 0.45 -13.76
N GLU B 254 21.63 1.09 -14.76
N GLU B 254 21.65 1.09 -14.76
CA GLU B 254 22.16 1.35 -16.10
CA GLU B 254 22.25 1.35 -16.07
C GLU B 254 22.70 2.80 -16.27
C GLU B 254 22.94 2.74 -16.17
N THR B 255 22.65 3.64 -15.22
CA THR B 255 23.13 5.01 -15.29
C THR B 255 24.54 5.20 -14.69
N LYS B 256 25.17 6.35 -15.02
CA LYS B 256 26.46 6.66 -14.43
C LYS B 256 26.32 7.38 -13.07
N ILE B 257 25.14 7.28 -12.42
CA ILE B 257 24.94 7.91 -11.13
C ILE B 257 25.25 6.94 -10.00
N THR B 258 26.47 6.99 -9.45
CA THR B 258 26.86 6.15 -8.31
C THR B 258 27.27 7.04 -7.10
N LEU B 259 27.05 6.50 -5.91
CA LEU B 259 27.34 7.12 -4.63
C LEU B 259 28.58 6.54 -3.92
N ARG B 260 29.31 5.60 -4.55
CA ARG B 260 30.50 5.02 -3.96
C ARG B 260 31.76 5.70 -4.47
N GLU B 261 32.64 6.11 -3.54
CA GLU B 261 33.92 6.72 -3.90
C GLU B 261 35.11 5.84 -3.44
N GLU B 262 34.89 4.86 -2.54
CA GLU B 262 35.92 3.95 -2.06
C GLU B 262 35.32 2.65 -1.49
N TYR B 263 36.16 1.59 -1.40
CA TYR B 263 35.76 0.27 -0.90
C TYR B 263 35.15 0.32 0.50
N ASN B 264 35.84 0.96 1.44
CA ASN B 264 35.33 1.10 2.80
C ASN B 264 34.74 2.49 3.00
N GLN B 265 33.46 2.62 2.73
CA GLN B 265 32.75 3.88 2.83
C GLN B 265 31.65 3.72 3.88
N SER B 266 31.59 4.64 4.85
CA SER B 266 30.57 4.60 5.87
C SER B 266 29.20 5.03 5.29
N PHE B 267 28.12 4.63 5.97
CA PHE B 267 26.76 4.97 5.59
C PHE B 267 26.59 6.48 5.69
N GLU B 268 27.16 7.13 6.76
CA GLU B 268 27.11 8.59 6.95
C GLU B 268 27.72 9.32 5.77
N ARG B 269 28.86 8.82 5.25
CA ARG B 269 29.47 9.40 4.05
C ARG B 269 28.55 9.19 2.81
N THR B 270 27.98 8.00 2.62
CA THR B 270 27.04 7.75 1.51
C THR B 270 25.85 8.75 1.55
N VAL B 271 25.27 8.98 2.74
CA VAL B 271 24.19 9.93 2.93
C VAL B 271 24.65 11.37 2.66
N GLU B 272 25.87 11.71 3.10
CA GLU B 272 26.42 13.05 2.85
C GLU B 272 26.59 13.29 1.36
N LYS B 273 27.10 12.30 0.64
CA LYS B 273 27.30 12.39 -0.79
C LYS B 273 25.98 12.55 -1.52
N LEU B 274 24.94 11.81 -1.11
CA LEU B 274 23.64 11.93 -1.74
C LEU B 274 23.04 13.31 -1.51
N ASN B 275 23.13 13.82 -0.27
CA ASN B 275 22.56 15.15 0.03
C ASN B 275 23.33 16.29 -0.59
N SER B 276 24.58 16.05 -1.03
CA SER B 276 25.35 17.13 -1.65
C SER B 276 25.52 16.95 -3.18
N ASN B 277 24.89 15.93 -3.77
CA ASN B 277 24.99 15.73 -5.21
C ASN B 277 24.13 16.80 -5.92
N LEU B 278 24.76 17.70 -6.68
CA LEU B 278 24.07 18.79 -7.37
C LEU B 278 23.07 18.32 -8.42
N LEU B 279 23.43 17.29 -9.22
CA LEU B 279 22.52 16.73 -10.23
C LEU B 279 21.25 16.20 -9.55
N LEU B 280 21.41 15.42 -8.48
CA LEU B 280 20.26 14.85 -7.78
C LEU B 280 19.44 15.89 -7.04
N PHE B 281 20.07 16.98 -6.58
CA PHE B 281 19.38 18.07 -5.91
C PHE B 281 18.52 18.81 -6.94
N ILE B 282 19.10 19.14 -8.12
CA ILE B 282 18.38 19.79 -9.20
C ILE B 282 17.23 18.89 -9.69
N LEU B 283 17.48 17.58 -9.81
CA LEU B 283 16.44 16.64 -10.23
C LEU B 283 15.26 16.63 -9.27
N ARG B 284 15.53 16.64 -7.96
CA ARG B 284 14.47 16.64 -6.96
C ARG B 284 13.66 17.96 -6.92
N LYS B 285 14.36 19.10 -6.95
CA LYS B 285 13.76 20.40 -6.82
C LYS B 285 13.07 20.89 -8.10
N GLU B 286 13.66 20.63 -9.27
CA GLU B 286 13.15 21.10 -10.55
C GLU B 286 12.43 20.07 -11.43
N GLY B 287 12.69 18.79 -11.20
CA GLY B 287 12.11 17.72 -12.00
C GLY B 287 12.86 17.47 -13.29
N PHE B 288 12.43 16.46 -14.05
CA PHE B 288 13.04 16.08 -15.31
C PHE B 288 12.95 17.16 -16.39
N LYS B 289 11.92 18.03 -16.31
CA LYS B 289 11.76 19.09 -17.29
C LYS B 289 12.95 20.07 -17.32
N TRP B 290 13.70 20.20 -16.22
CA TRP B 290 14.86 21.09 -16.20
C TRP B 290 15.93 20.55 -17.16
N PHE B 291 16.13 19.22 -17.17
CA PHE B 291 17.11 18.58 -18.04
C PHE B 291 16.57 18.44 -19.45
N LEU B 292 15.29 18.09 -19.60
CA LEU B 292 14.68 17.96 -20.92
C LEU B 292 14.63 19.31 -21.64
N ASN B 293 14.41 20.42 -20.90
CA ASN B 293 14.37 21.77 -21.49
C ASN B 293 15.73 22.26 -21.96
N ILE B 294 16.81 21.75 -21.37
CA ILE B 294 18.16 22.11 -21.82
C ILE B 294 18.41 21.40 -23.15
N LEU B 295 18.08 20.11 -23.25
CA LEU B 295 18.24 19.33 -24.46
C LEU B 295 17.35 19.87 -25.60
N LYS B 296 16.08 20.19 -25.33
CA LYS B 296 15.20 20.76 -26.36
C LYS B 296 15.73 22.11 -26.84
N GLU B 297 16.09 23.00 -25.91
CA GLU B 297 16.62 24.34 -26.26
C GLU B 297 17.86 24.26 -27.14
N ASN B 298 18.74 23.30 -26.86
CA ASN B 298 20.00 23.11 -27.59
C ASN B 298 19.93 22.05 -28.71
N ASN B 299 18.71 21.57 -29.03
CA ASN B 299 18.42 20.58 -30.08
C ASN B 299 19.24 19.29 -29.95
N LYS B 300 19.38 18.79 -28.71
CA LYS B 300 20.14 17.58 -28.40
C LYS B 300 19.29 16.34 -28.13
N ILE B 301 17.96 16.41 -28.33
CA ILE B 301 17.09 15.25 -28.08
C ILE B 301 17.45 14.06 -28.99
N GLU B 302 17.60 14.30 -30.30
CA GLU B 302 17.93 13.27 -31.28
C GLU B 302 19.34 12.75 -31.07
N GLU B 303 20.28 13.69 -30.85
CA GLU B 303 21.70 13.44 -30.63
C GLU B 303 21.93 12.50 -29.45
N PHE B 304 21.23 12.72 -28.34
CA PHE B 304 21.41 11.87 -27.16
C PHE B 304 20.41 10.69 -27.10
N ASP B 305 19.68 10.43 -28.20
CA ASP B 305 18.71 9.34 -28.36
C ASP B 305 17.68 9.29 -27.23
N ILE B 306 17.09 10.44 -26.87
CA ILE B 306 16.04 10.46 -25.85
C ILE B 306 14.78 9.85 -26.49
N PRO B 307 14.23 8.78 -25.91
CA PRO B 307 13.02 8.17 -26.47
C PRO B 307 11.83 9.10 -26.32
N TYR B 308 10.87 9.04 -27.25
CA TYR B 308 9.71 9.91 -27.17
C TYR B 308 8.72 9.40 -26.11
N GLU B 309 8.58 8.08 -25.96
CA GLU B 309 7.67 7.47 -24.99
C GLU B 309 8.42 6.52 -24.03
N PHE B 310 7.91 6.35 -22.79
CA PHE B 310 8.47 5.55 -21.70
C PHE B 310 7.41 4.79 -20.94
N SER B 311 7.76 3.62 -20.38
CA SER B 311 6.85 2.86 -19.51
C SER B 311 6.72 3.51 -18.13
N SER B 312 7.76 4.25 -17.67
CA SER B 312 7.73 4.87 -16.35
C SER B 312 8.53 6.18 -16.26
N ILE B 313 8.35 6.98 -15.18
CA ILE B 313 9.13 8.20 -14.93
C ILE B 313 10.67 7.88 -14.89
N CYS B 314 11.01 6.68 -14.38
CA CYS B 314 12.38 6.15 -14.33
C CYS B 314 12.98 5.96 -15.74
N GLY B 315 12.14 5.70 -16.72
CA GLY B 315 12.56 5.56 -18.11
C GLY B 315 13.18 6.82 -18.64
N VAL B 316 12.70 8.00 -18.20
CA VAL B 316 13.28 9.28 -18.61
C VAL B 316 14.66 9.40 -17.95
N CYS B 317 14.72 9.10 -16.64
CA CYS B 317 15.92 9.13 -15.79
C CYS B 317 17.08 8.38 -16.47
N GLY B 318 16.87 7.10 -16.79
CA GLY B 318 17.85 6.27 -17.45
C GLY B 318 18.35 6.86 -18.75
N SER B 319 17.46 7.39 -19.60
CA SER B 319 17.87 7.96 -20.90
C SER B 319 18.60 9.30 -20.79
N LEU B 320 18.35 10.06 -19.72
CA LEU B 320 19.05 11.34 -19.51
C LEU B 320 20.47 11.12 -18.97
N PHE B 321 20.66 10.09 -18.14
CA PHE B 321 21.95 9.91 -17.46
C PHE B 321 22.63 8.55 -17.65
N ASN B 322 22.34 7.80 -18.74
CA ASN B 322 22.99 6.49 -18.90
C ASN B 322 24.32 6.53 -19.66
N SER B 323 24.97 7.69 -19.69
CA SER B 323 26.25 7.82 -20.37
C SER B 323 27.00 9.00 -19.81
N ALA B 324 28.33 8.95 -19.85
CA ALA B 324 29.16 10.03 -19.36
C ALA B 324 28.99 11.27 -20.23
N GLU B 325 28.78 11.11 -21.56
CA GLU B 325 28.55 12.26 -22.47
C GLU B 325 27.32 13.07 -21.99
N LYS B 326 26.25 12.38 -21.66
CA LYS B 326 25.02 13.01 -21.21
C LYS B 326 25.20 13.80 -19.90
N ILE B 327 25.83 13.19 -18.88
CA ILE B 327 26.08 13.85 -17.59
C ILE B 327 27.07 15.04 -17.72
N ASN B 328 28.10 14.89 -18.57
CA ASN B 328 29.05 15.98 -18.80
C ASN B 328 28.39 17.13 -19.56
N TYR B 329 27.37 16.85 -20.39
CA TYR B 329 26.66 17.90 -21.11
C TYR B 329 26.00 18.88 -20.14
N PHE B 330 25.34 18.36 -19.10
CA PHE B 330 24.64 19.19 -18.10
C PHE B 330 25.55 19.99 -17.17
N TYR B 331 26.80 19.53 -16.98
CA TYR B 331 27.78 20.16 -16.07
C TYR B 331 27.77 21.73 -16.05
N PRO B 332 27.94 22.48 -17.18
CA PRO B 332 27.96 23.95 -17.07
C PRO B 332 26.62 24.58 -16.72
N TYR B 333 25.51 23.93 -17.10
CA TYR B 333 24.17 24.41 -16.77
C TYR B 333 23.89 24.20 -15.27
N MET B 334 24.39 23.11 -14.69
CA MET B 334 24.22 22.86 -13.27
C MET B 334 25.07 23.83 -12.45
N GLU B 335 26.28 24.15 -12.94
CA GLU B 335 27.19 25.10 -12.33
C GLU B 335 26.55 26.49 -12.29
N LYS B 336 25.90 26.89 -13.40
CA LYS B 336 25.19 28.16 -13.49
C LYS B 336 24.03 28.21 -12.49
N TYR B 337 23.32 27.09 -12.33
CA TYR B 337 22.22 26.96 -11.38
C TYR B 337 22.70 27.16 -9.94
N TYR B 338 23.86 26.57 -9.60
CA TYR B 338 24.47 26.63 -8.28
C TYR B 338 24.88 28.06 -7.89
N ASN B 339 25.49 28.79 -8.83
CA ASN B 339 25.89 30.18 -8.61
C ASN B 339 24.68 31.09 -8.48
N GLU B 340 23.65 30.88 -9.32
CA GLU B 340 22.44 31.70 -9.30
C GLU B 340 21.64 31.50 -8.01
N ASN B 341 21.44 30.23 -7.63
CA ASN B 341 20.75 29.88 -6.40
C ASN B 341 21.78 29.59 -5.29
N LYS C 1 -6.28 -2.71 5.48
CA LYS C 1 -6.51 -3.12 6.87
C LYS C 1 -7.96 -2.91 7.25
N GLU C 2 -8.48 -3.79 8.10
CA GLU C 2 -9.89 -3.85 8.49
C GLU C 2 -10.43 -2.61 9.14
N ASN C 3 -9.62 -1.99 10.01
CA ASN C 3 -10.03 -0.78 10.73
C ASN C 3 -10.24 0.43 9.84
N ARG C 4 -9.74 0.41 8.59
CA ARG C 4 -9.91 1.51 7.62
C ARG C 4 -10.61 1.04 6.32
N TRP C 5 -11.38 -0.06 6.40
CA TRP C 5 -12.08 -0.74 5.31
C TRP C 5 -12.89 0.18 4.39
N ILE C 6 -13.82 0.98 4.94
CA ILE C 6 -14.63 1.89 4.13
C ILE C 6 -13.95 3.25 3.86
N LEU C 7 -12.62 3.36 3.99
CA LEU C 7 -11.90 4.63 3.79
C LEU C 7 -10.76 4.52 2.77
N GLY C 8 -10.40 5.67 2.20
CA GLY C 8 -9.19 5.78 1.37
C GLY C 8 -8.00 5.84 2.31
N SER C 9 -6.86 5.22 1.92
CA SER C 9 -5.67 5.24 2.76
C SER C 9 -4.42 5.30 1.90
N GLY C 10 -3.42 6.05 2.38
CA GLY C 10 -2.16 6.16 1.67
C GLY C 10 -1.36 4.87 1.78
N HIS C 11 -0.46 4.63 0.83
CA HIS C 11 0.38 3.43 0.81
C HIS C 11 1.53 3.57 1.86
N LYS D 1 6.43 4.78 -5.45
CA LYS D 1 6.70 3.35 -5.43
C LYS D 1 7.97 3.01 -6.22
N GLU D 2 8.22 3.72 -7.35
CA GLU D 2 9.36 3.47 -8.26
C GLU D 2 10.71 3.39 -7.57
N ASN D 3 10.93 4.25 -6.58
CA ASN D 3 12.18 4.27 -5.83
C ASN D 3 12.42 3.01 -4.99
N ARG D 4 11.38 2.20 -4.73
CA ARG D 4 11.47 0.95 -3.98
C ARG D 4 11.03 -0.29 -4.80
N TRP D 5 11.08 -0.17 -6.14
CA TRP D 5 10.68 -1.16 -7.15
C TRP D 5 11.19 -2.59 -6.88
N ILE D 6 12.51 -2.77 -6.77
CA ILE D 6 13.07 -4.10 -6.52
C ILE D 6 13.11 -4.51 -5.03
N LEU D 7 12.30 -3.86 -4.16
CA LEU D 7 12.30 -4.15 -2.72
C LEU D 7 10.92 -4.50 -2.16
N GLY D 8 10.89 -5.19 -1.02
CA GLY D 8 9.67 -5.40 -0.26
C GLY D 8 9.38 -4.12 0.52
N SER D 9 8.10 -3.76 0.71
CA SER D 9 7.73 -2.55 1.43
C SER D 9 6.44 -2.76 2.21
N GLY D 10 6.34 -2.12 3.38
CA GLY D 10 5.13 -2.20 4.18
C GLY D 10 4.01 -1.40 3.55
N HIS D 11 2.76 -1.76 3.85
CA HIS D 11 1.60 -1.06 3.28
C HIS D 11 1.37 0.31 3.92
#